data_5Y4P
#
_entry.id   5Y4P
#
_cell.length_a   43.819
_cell.length_b   99.726
_cell.length_c   134.254
_cell.angle_alpha   90.00
_cell.angle_beta   91.57
_cell.angle_gamma   90.00
#
_symmetry.space_group_name_H-M   'P 1 21 1'
#
loop_
_entity.id
_entity.type
_entity.pdbx_description
1 polymer 'Spermidine synthase, putative'
2 non-polymer "5'-[(S)-(3-AMINOPROPYL)(METHYL)-LAMBDA~4~-SULFANYL]-5'-DEOXYADENOSINE"
3 non-polymer 5-methoxy-2-[(5R)-5-methyl-4,5-dihydro-1H-imidazol-2-yl]phenol
4 water water
#
_entity_poly.entity_id   1
_entity_poly.type   'polypeptide(L)'
_entity_poly.pdbx_seq_one_letter_code
;MAHHHHHHMPGSELISGGWFREENDQWPGQAMSLRVEKVLYDAPTKFQHLTIFESDPKGPWGTVMALDGCIQVTDYDEFV
YHEVLGHTSLCSHPKPERVLIIGGGDGGVLREVLRHGTVEHCDLVDIDGEVMEQSKQHFPQISRSLADPRATVRVGDGLA
FVRQTPDNTYDVVIIDTTDPAGPASKLFGEAFYKDVLRILKPDGICCNQGESIWLDLELIEKMSRFIRETGFASVQYALM
HVPTYPCGSIGTLVCSKKAGVDVTKPLRPVEDMPFAKDLKYYDSEMHKASFALPRFARHINNSE
;
_entity_poly.pdbx_strand_id   A,B,C,D
#
loop_
_chem_comp.id
_chem_comp.type
_chem_comp.name
_chem_comp.formula
8QO non-polymer 5-methoxy-2-[(5R)-5-methyl-4,5-dihydro-1H-imidazol-2-yl]phenol 'C11 H14 N2 O2'
S4M non-polymer 5'-[(S)-(3-AMINOPROPYL)(METHYL)-LAMBDA~4~-SULFANYL]-5'-DEOXYADENOSINE 'C14 H24 N6 O3 S'
#
# COMPACT_ATOMS: atom_id res chain seq x y z
N GLY A 18 -30.06 46.13 -14.14
CA GLY A 18 -29.50 45.36 -15.29
C GLY A 18 -29.09 43.94 -14.91
N TRP A 19 -28.95 43.11 -15.94
CA TRP A 19 -28.65 41.70 -15.77
C TRP A 19 -27.67 41.27 -16.82
N PHE A 20 -26.59 40.62 -16.38
CA PHE A 20 -25.62 40.02 -17.27
C PHE A 20 -26.17 38.64 -17.62
N ARG A 21 -26.22 38.33 -18.91
CA ARG A 21 -26.79 37.09 -19.44
C ARG A 21 -25.69 36.29 -20.14
N GLU A 22 -25.54 35.01 -19.76
CA GLU A 22 -24.54 34.10 -20.33
C GLU A 22 -25.19 32.95 -21.12
N GLU A 23 -24.74 32.78 -22.34
CA GLU A 23 -25.30 31.80 -23.25
C GLU A 23 -24.20 31.06 -23.99
N ASN A 24 -24.48 29.82 -24.37
CA ASN A 24 -23.56 28.99 -25.14
C ASN A 24 -24.20 28.53 -26.44
N ASP A 25 -23.40 28.54 -27.51
CA ASP A 25 -23.80 28.01 -28.81
C ASP A 25 -24.15 26.53 -28.69
N GLN A 26 -23.45 25.84 -27.78
CA GLN A 26 -23.60 24.41 -27.51
C GLN A 26 -24.62 24.17 -26.44
N PRO A 28 -27.88 26.31 -25.76
CA PRO A 28 -28.86 26.84 -26.71
C PRO A 28 -30.28 26.48 -26.29
N GLY A 29 -31.07 27.50 -26.00
CA GLY A 29 -32.30 27.31 -25.28
C GLY A 29 -32.05 27.46 -23.80
N GLN A 30 -30.83 27.83 -23.41
CA GLN A 30 -30.51 28.07 -22.01
C GLN A 30 -29.64 29.27 -21.77
N ALA A 31 -29.85 29.88 -20.61
CA ALA A 31 -29.21 31.10 -20.23
C ALA A 31 -29.02 31.12 -18.73
N MET A 32 -27.89 31.66 -18.30
CA MET A 32 -27.67 31.97 -16.89
C MET A 32 -27.56 33.49 -16.71
N SER A 33 -28.28 34.03 -15.73
CA SER A 33 -28.33 35.46 -15.55
C SER A 33 -27.86 35.89 -14.18
N LEU A 34 -27.01 36.91 -14.16
CA LEU A 34 -26.56 37.50 -12.90
C LEU A 34 -26.95 38.97 -12.85
N ARG A 35 -27.52 39.40 -11.73
CA ARG A 35 -27.80 40.82 -11.50
C ARG A 35 -26.49 41.61 -11.40
N VAL A 36 -26.44 42.73 -12.13
CA VAL A 36 -25.33 43.68 -12.06
C VAL A 36 -25.63 44.77 -11.02
N GLU A 37 -24.83 44.79 -9.94
CA GLU A 37 -24.81 45.89 -9.00
C GLU A 37 -24.15 47.12 -9.66
N LYS A 38 -22.87 47.01 -9.98
CA LYS A 38 -22.12 48.09 -10.62
C LYS A 38 -21.24 47.54 -11.75
N VAL A 39 -21.26 48.20 -12.90
CA VAL A 39 -20.38 47.85 -14.02
C VAL A 39 -19.05 48.51 -13.65
N LEU A 40 -17.97 47.74 -13.75
CA LEU A 40 -16.64 48.24 -13.36
C LEU A 40 -15.73 48.46 -14.56
N TYR A 41 -15.91 47.63 -15.58
CA TYR A 41 -15.20 47.77 -16.83
C TYR A 41 -15.99 47.02 -17.89
N ASP A 42 -16.07 47.62 -19.07
CA ASP A 42 -16.77 47.03 -20.22
C ASP A 42 -16.29 47.70 -21.48
N ALA A 43 -15.33 47.05 -22.16
CA ALA A 43 -14.75 47.56 -23.39
C ALA A 43 -14.11 46.42 -24.17
N PRO A 44 -14.12 46.49 -25.53
CA PRO A 44 -13.21 45.57 -26.21
C PRO A 44 -11.76 45.93 -25.96
N THR A 45 -10.90 44.99 -26.25
CA THR A 45 -9.51 45.08 -25.91
C THR A 45 -8.89 44.77 -27.27
N LYS A 46 -7.56 44.83 -27.36
CA LYS A 46 -6.86 44.37 -28.56
C LYS A 46 -7.31 42.96 -29.01
N PHE A 47 -7.77 42.12 -28.08
CA PHE A 47 -7.96 40.70 -28.34
C PHE A 47 -9.35 40.11 -28.09
N GLN A 48 -10.15 40.74 -27.22
CA GLN A 48 -11.47 40.19 -26.81
C GLN A 48 -12.33 41.22 -26.06
N HIS A 49 -13.63 40.96 -25.89
CA HIS A 49 -14.46 41.83 -25.04
C HIS A 49 -14.29 41.48 -23.57
N LEU A 50 -13.95 42.50 -22.76
CA LEU A 50 -13.72 42.34 -21.32
C LEU A 50 -14.79 43.06 -20.48
N THR A 51 -15.55 42.27 -19.73
CA THR A 51 -16.57 42.78 -18.82
C THR A 51 -16.22 42.46 -17.37
N ILE A 52 -16.21 43.49 -16.55
CA ILE A 52 -16.04 43.33 -15.10
C ILE A 52 -17.18 44.05 -14.36
N PHE A 53 -17.86 43.30 -13.48
CA PHE A 53 -18.98 43.83 -12.73
C PHE A 53 -19.08 43.29 -11.33
N GLU A 54 -19.54 44.15 -10.43
CA GLU A 54 -19.90 43.79 -9.07
C GLU A 54 -21.31 43.20 -9.11
N SER A 55 -21.45 41.94 -8.68
CA SER A 55 -22.76 41.26 -8.74
C SER A 55 -23.57 41.58 -7.49
N ASP A 56 -24.81 41.07 -7.43
CA ASP A 56 -25.73 41.36 -6.35
C ASP A 56 -25.09 41.12 -4.98
N PRO A 57 -24.99 42.18 -4.13
CA PRO A 57 -24.35 42.08 -2.80
C PRO A 57 -25.04 41.10 -1.89
N LYS A 58 -26.29 40.75 -2.22
CA LYS A 58 -27.05 39.77 -1.46
C LYS A 58 -26.74 38.36 -1.93
N GLY A 59 -26.15 38.22 -3.11
CA GLY A 59 -25.67 36.93 -3.60
C GLY A 59 -24.23 36.65 -3.18
N PRO A 60 -23.71 35.46 -3.52
CA PRO A 60 -22.36 35.08 -3.08
C PRO A 60 -21.21 35.46 -4.05
N TRP A 61 -21.55 35.89 -5.25
CA TRP A 61 -20.61 35.92 -6.38
C TRP A 61 -19.46 36.95 -6.32
N GLY A 62 -19.68 38.06 -5.61
CA GLY A 62 -18.73 39.15 -5.57
C GLY A 62 -18.55 39.79 -6.94
N THR A 63 -17.30 40.06 -7.28
CA THR A 63 -16.92 40.66 -8.55
C THR A 63 -16.83 39.55 -9.59
N VAL A 64 -17.28 39.84 -10.80
CA VAL A 64 -17.36 38.86 -11.88
C VAL A 64 -16.60 39.38 -13.09
N MET A 65 -15.73 38.53 -13.66
CA MET A 65 -15.10 38.78 -14.96
C MET A 65 -15.58 37.84 -16.05
N ALA A 66 -16.02 38.41 -17.18
CA ALA A 66 -16.27 37.66 -18.44
C ALA A 66 -15.38 38.12 -19.56
N LEU A 67 -15.07 37.18 -20.46
CA LEU A 67 -14.34 37.44 -21.69
C LEU A 67 -15.21 36.96 -22.83
N ASP A 68 -15.45 37.84 -23.81
CA ASP A 68 -16.41 37.61 -24.91
C ASP A 68 -17.75 37.05 -24.38
N GLY A 69 -18.22 37.58 -23.25
CA GLY A 69 -19.51 37.18 -22.67
C GLY A 69 -19.56 35.88 -21.87
N CYS A 70 -18.44 35.15 -21.80
CA CYS A 70 -18.30 33.93 -21.01
C CYS A 70 -17.57 34.22 -19.71
N ILE A 71 -18.28 34.08 -18.58
CA ILE A 71 -17.66 34.27 -17.25
C ILE A 71 -16.42 33.39 -17.13
N GLN A 72 -15.34 33.98 -16.59
CA GLN A 72 -14.04 33.32 -16.43
C GLN A 72 -13.66 33.35 -14.96
N VAL A 73 -14.02 34.41 -14.24
CA VAL A 73 -13.64 34.60 -12.81
C VAL A 73 -14.76 35.23 -11.98
N THR A 74 -15.06 34.60 -10.85
CA THR A 74 -15.92 35.20 -9.81
C THR A 74 -15.13 35.13 -8.53
N ASP A 75 -15.32 36.08 -7.61
CA ASP A 75 -14.64 36.04 -6.29
C ASP A 75 -14.89 34.72 -5.56
N TYR A 76 -16.11 34.22 -5.67
CA TYR A 76 -16.61 33.14 -4.84
C TYR A 76 -16.06 31.78 -5.23
N ASP A 77 -16.04 31.45 -6.52
CA ASP A 77 -15.59 30.13 -6.94
C ASP A 77 -14.12 30.03 -7.40
N GLU A 78 -13.39 31.15 -7.51
CA GLU A 78 -12.09 31.13 -8.17
C GLU A 78 -11.09 30.16 -7.54
N PHE A 79 -11.22 29.96 -6.23
CA PHE A 79 -10.36 28.99 -5.51
C PHE A 79 -10.41 27.58 -6.13
N VAL A 80 -11.55 27.22 -6.71
CA VAL A 80 -11.76 25.86 -7.21
C VAL A 80 -10.83 25.55 -8.37
N TYR A 81 -11.04 26.21 -9.51
CA TYR A 81 -10.23 26.03 -10.72
C TYR A 81 -8.76 26.45 -10.57
N HIS A 82 -8.46 27.42 -9.70
CA HIS A 82 -7.05 27.79 -9.43
C HIS A 82 -6.29 26.81 -8.55
N GLU A 83 -6.95 26.23 -7.56
CA GLU A 83 -6.30 25.22 -6.73
C GLU A 83 -6.11 23.91 -7.48
N VAL A 84 -7.10 23.52 -8.27
CA VAL A 84 -7.07 22.28 -9.08
C VAL A 84 -5.96 22.32 -10.15
N LEU A 85 -5.97 23.33 -11.02
CA LEU A 85 -4.91 23.49 -12.04
C LEU A 85 -3.50 23.65 -11.41
N GLY A 86 -3.40 24.44 -10.35
CA GLY A 86 -2.10 24.65 -9.70
C GLY A 86 -1.51 23.43 -9.01
N HIS A 87 -2.36 22.71 -8.30
CA HIS A 87 -1.89 21.69 -7.38
C HIS A 87 -1.94 20.30 -7.94
N THR A 88 -2.97 19.99 -8.74
CA THR A 88 -3.03 18.71 -9.47
C THR A 88 -1.78 18.56 -10.34
N SER A 89 -1.31 19.62 -10.99
CA SER A 89 -0.12 19.52 -11.85
C SER A 89 1.17 19.44 -11.01
N LEU A 90 1.37 20.43 -10.13
CA LEU A 90 2.59 20.48 -9.28
C LEU A 90 2.75 19.36 -8.27
N CYS A 91 1.64 18.83 -7.75
CA CYS A 91 1.72 17.68 -6.87
C CYS A 91 1.93 16.38 -7.62
N SER A 92 1.83 16.45 -8.96
CA SER A 92 2.11 15.31 -9.85
C SER A 92 3.54 15.30 -10.36
N HIS A 93 4.31 16.31 -9.98
CA HIS A 93 5.67 16.44 -10.43
C HIS A 93 6.66 16.10 -9.31
N PRO A 94 7.76 15.39 -9.64
CA PRO A 94 8.72 15.00 -8.59
C PRO A 94 9.36 16.18 -7.83
N LYS A 95 9.57 17.31 -8.50
CA LYS A 95 10.26 18.49 -7.95
C LYS A 95 10.12 19.68 -8.91
N PRO A 96 8.95 20.37 -8.95
CA PRO A 96 8.74 21.39 -9.99
C PRO A 96 9.43 22.69 -9.65
N GLU A 97 10.47 23.02 -10.42
CA GLU A 97 11.31 24.19 -10.17
C GLU A 97 11.00 25.35 -11.10
N ARG A 98 10.81 25.05 -12.38
CA ARG A 98 10.53 26.07 -13.40
C ARG A 98 9.15 25.76 -13.99
N VAL A 99 8.25 26.75 -13.94
CA VAL A 99 6.86 26.59 -14.37
C VAL A 99 6.49 27.67 -15.37
N LEU A 100 5.79 27.25 -16.43
CA LEU A 100 5.20 28.17 -17.37
C LEU A 100 3.65 28.16 -17.19
N ILE A 101 3.05 29.35 -17.18
CA ILE A 101 1.61 29.47 -17.25
C ILE A 101 1.25 30.25 -18.51
N ILE A 102 0.43 29.61 -19.34
CA ILE A 102 -0.08 30.23 -20.53
C ILE A 102 -1.49 30.70 -20.24
N GLY A 103 -1.72 32.00 -20.44
CA GLY A 103 -2.96 32.65 -20.04
C GLY A 103 -2.81 33.08 -18.59
N GLY A 104 -3.85 32.91 -17.79
CA GLY A 104 -3.73 33.06 -16.33
C GLY A 104 -3.46 34.47 -15.86
N GLY A 105 -3.88 35.42 -16.68
CA GLY A 105 -3.56 36.83 -16.51
C GLY A 105 -4.19 37.44 -15.30
N ASP A 106 -5.22 36.78 -14.78
CA ASP A 106 -5.85 37.17 -13.51
C ASP A 106 -4.93 36.92 -12.30
N GLY A 107 -3.97 36.02 -12.48
CA GLY A 107 -3.00 35.66 -11.44
C GLY A 107 -3.34 34.50 -10.52
N GLY A 108 -4.50 33.85 -10.68
CA GLY A 108 -4.97 32.84 -9.69
C GLY A 108 -4.13 31.57 -9.62
N VAL A 109 -3.88 30.98 -10.78
CA VAL A 109 -2.98 29.83 -10.90
C VAL A 109 -1.58 30.18 -10.41
N LEU A 110 -1.08 31.36 -10.77
CA LEU A 110 0.22 31.79 -10.30
C LEU A 110 0.30 31.83 -8.76
N ARG A 111 -0.76 32.36 -8.14
CA ARG A 111 -0.85 32.44 -6.69
C ARG A 111 -0.74 31.03 -6.08
N GLU A 112 -1.39 30.06 -6.72
CA GLU A 112 -1.35 28.67 -6.24
C GLU A 112 0.00 28.00 -6.52
N VAL A 113 0.55 28.26 -7.72
CA VAL A 113 1.89 27.75 -8.10
C VAL A 113 2.97 28.23 -7.09
N LEU A 114 2.83 29.48 -6.69
CA LEU A 114 3.85 30.11 -5.85
C LEU A 114 3.85 29.70 -4.39
N ARG A 115 2.82 28.96 -3.93
CA ARG A 115 2.81 28.36 -2.55
C ARG A 115 3.87 27.30 -2.37
N HIS A 116 4.19 26.59 -3.45
CA HIS A 116 5.16 25.52 -3.45
C HIS A 116 6.58 26.04 -3.28
N GLY A 117 7.31 25.49 -2.31
CA GLY A 117 8.64 25.98 -1.95
C GLY A 117 9.71 25.52 -2.92
N THR A 118 9.37 24.51 -3.71
CA THR A 118 10.23 23.99 -4.78
C THR A 118 10.34 24.97 -5.95
N VAL A 119 9.31 25.78 -6.20
CA VAL A 119 9.27 26.64 -7.38
C VAL A 119 10.31 27.72 -7.22
N GLU A 120 11.26 27.69 -8.15
CA GLU A 120 12.32 28.68 -8.25
C GLU A 120 11.87 29.85 -9.09
N HIS A 121 11.22 29.55 -10.24
CA HIS A 121 10.75 30.59 -11.14
C HIS A 121 9.49 30.17 -11.90
N CYS A 122 8.58 31.11 -12.09
CA CYS A 122 7.44 30.89 -12.98
C CYS A 122 7.31 31.99 -14.02
N ASP A 123 7.22 31.59 -15.28
CA ASP A 123 6.86 32.52 -16.33
C ASP A 123 5.37 32.49 -16.52
N LEU A 124 4.78 33.65 -16.75
CA LEU A 124 3.38 33.72 -17.12
C LEU A 124 3.25 34.56 -18.39
N VAL A 125 2.57 34.01 -19.38
CA VAL A 125 2.33 34.70 -20.66
C VAL A 125 0.84 34.76 -20.96
N ASP A 126 0.29 35.97 -21.01
CA ASP A 126 -1.11 36.19 -21.35
C ASP A 126 -1.16 37.19 -22.51
N ILE A 127 -1.87 36.85 -23.59
CA ILE A 127 -1.95 37.67 -24.80
C ILE A 127 -2.46 39.09 -24.57
N ASP A 128 -3.24 39.25 -23.51
CA ASP A 128 -4.01 40.45 -23.26
C ASP A 128 -3.57 41.12 -21.98
N GLY A 129 -2.75 42.16 -22.12
CA GLY A 129 -2.33 42.98 -20.99
C GLY A 129 -3.42 43.76 -20.27
N GLU A 130 -4.56 43.95 -20.92
CA GLU A 130 -5.71 44.58 -20.24
C GLU A 130 -6.35 43.70 -19.14
N VAL A 131 -6.47 42.40 -19.42
CA VAL A 131 -6.88 41.40 -18.40
C VAL A 131 -6.07 41.57 -17.10
N MET A 132 -4.74 41.54 -17.20
CA MET A 132 -3.85 41.69 -16.03
C MET A 132 -4.00 43.05 -15.34
N GLU A 133 -4.05 44.11 -16.14
CA GLU A 133 -4.28 45.46 -15.65
C GLU A 133 -5.59 45.51 -14.88
N GLN A 134 -6.64 44.96 -15.47
CA GLN A 134 -7.96 44.99 -14.85
C GLN A 134 -8.11 44.07 -13.64
N SER A 135 -7.34 42.99 -13.63
CA SER A 135 -7.25 42.09 -12.46
C SER A 135 -6.50 42.74 -11.30
N LYS A 136 -5.51 43.58 -11.65
CA LYS A 136 -4.78 44.38 -10.65
C LYS A 136 -5.73 45.32 -9.92
N GLN A 137 -6.64 45.94 -10.67
CA GLN A 137 -7.57 46.91 -10.11
C GLN A 137 -8.74 46.28 -9.39
N HIS A 138 -9.27 45.18 -9.93
CA HIS A 138 -10.55 44.66 -9.44
C HIS A 138 -10.55 43.31 -8.71
N PHE A 139 -9.45 42.55 -8.84
CA PHE A 139 -9.31 41.29 -8.11
C PHE A 139 -7.94 41.24 -7.45
N PRO A 140 -7.67 42.13 -6.46
CA PRO A 140 -6.33 42.12 -5.83
C PRO A 140 -6.04 40.82 -5.08
N GLN A 141 -7.11 40.13 -4.67
CA GLN A 141 -7.06 38.81 -4.00
C GLN A 141 -6.47 37.75 -4.91
N ILE A 142 -6.63 37.95 -6.21
CA ILE A 142 -6.17 37.01 -7.22
C ILE A 142 -4.85 37.51 -7.86
N SER A 143 -4.77 38.82 -8.13
CA SER A 143 -3.67 39.39 -8.90
C SER A 143 -2.37 39.75 -8.15
N ARG A 144 -2.42 39.87 -6.81
CA ARG A 144 -1.22 40.17 -5.99
C ARG A 144 0.05 39.39 -6.38
N SER A 145 -0.14 38.13 -6.78
CA SER A 145 0.94 37.23 -7.24
C SER A 145 1.70 37.71 -8.50
N LEU A 146 1.09 38.58 -9.29
CA LEU A 146 1.71 39.06 -10.53
C LEU A 146 3.02 39.82 -10.26
N ALA A 147 3.09 40.47 -9.08
CA ALA A 147 4.25 41.21 -8.59
C ALA A 147 5.24 40.37 -7.78
N ASP A 148 5.06 39.04 -7.74
CA ASP A 148 6.01 38.18 -7.03
C ASP A 148 7.35 38.10 -7.75
N PRO A 149 8.45 38.31 -7.00
CA PRO A 149 9.82 38.24 -7.55
C PRO A 149 10.20 36.93 -8.26
N ARG A 150 9.50 35.82 -7.95
CA ARG A 150 9.76 34.53 -8.60
C ARG A 150 8.99 34.39 -9.90
N ALA A 151 8.15 35.38 -10.20
CA ALA A 151 7.39 35.42 -11.43
C ALA A 151 7.90 36.44 -12.44
N THR A 152 7.86 36.07 -13.72
CA THR A 152 8.00 36.99 -14.84
C THR A 152 6.73 36.90 -15.68
N VAL A 153 6.04 38.03 -15.72
CA VAL A 153 4.80 38.23 -16.43
C VAL A 153 5.06 38.91 -17.78
N ARG A 154 4.61 38.27 -18.88
CA ARG A 154 4.76 38.73 -20.27
C ARG A 154 3.40 38.79 -20.97
N VAL A 155 3.21 39.87 -21.73
CA VAL A 155 2.05 40.07 -22.59
C VAL A 155 2.47 39.57 -23.97
N GLY A 156 1.74 38.60 -24.51
CA GLY A 156 2.09 37.98 -25.79
C GLY A 156 1.39 36.65 -26.00
N ASP A 157 1.50 36.14 -27.22
CA ASP A 157 0.87 34.89 -27.58
C ASP A 157 1.71 33.69 -27.11
N GLY A 158 1.07 32.78 -26.38
CA GLY A 158 1.69 31.55 -25.91
C GLY A 158 2.15 30.63 -27.03
N LEU A 159 1.45 30.68 -28.16
CA LEU A 159 1.83 29.91 -29.35
C LEU A 159 3.19 30.38 -29.84
N ALA A 160 3.31 31.72 -29.98
CA ALA A 160 4.55 32.37 -30.36
C ALA A 160 5.61 32.18 -29.29
N PHE A 161 5.20 32.25 -28.01
CA PHE A 161 6.14 32.03 -26.91
C PHE A 161 6.79 30.64 -26.85
N VAL A 162 5.99 29.58 -26.99
CA VAL A 162 6.53 28.20 -26.87
C VAL A 162 7.40 27.83 -28.08
N ARG A 163 7.11 28.48 -29.21
CA ARG A 163 7.85 28.32 -30.43
C ARG A 163 9.26 28.86 -30.23
N GLN A 164 9.39 29.94 -29.48
CA GLN A 164 10.67 30.57 -29.33
C GLN A 164 11.35 30.28 -27.99
N THR A 165 11.10 29.07 -27.48
CA THR A 165 11.55 28.63 -26.16
C THR A 165 12.41 27.39 -26.39
N PRO A 166 13.56 27.27 -25.66
CA PRO A 166 14.46 26.14 -25.84
C PRO A 166 13.88 24.81 -25.36
N ASP A 167 14.45 23.70 -25.84
CA ASP A 167 14.07 22.38 -25.35
C ASP A 167 14.41 22.33 -23.91
N ASN A 168 13.62 21.60 -23.14
CA ASN A 168 13.98 21.24 -21.77
C ASN A 168 14.09 22.46 -20.81
N THR A 169 13.15 23.40 -20.97
CA THR A 169 13.08 24.63 -20.17
C THR A 169 12.20 24.53 -18.90
N TYR A 170 11.07 23.84 -18.99
CA TYR A 170 10.09 23.80 -17.89
C TYR A 170 9.81 22.43 -17.31
N ASP A 171 9.54 22.41 -16.01
CA ASP A 171 9.09 21.18 -15.32
C ASP A 171 7.58 20.99 -15.52
N VAL A 172 6.86 22.12 -15.49
CA VAL A 172 5.41 22.12 -15.68
C VAL A 172 5.00 23.27 -16.57
N VAL A 173 4.13 22.97 -17.54
CA VAL A 173 3.39 23.97 -18.33
C VAL A 173 1.90 23.85 -17.95
N ILE A 174 1.28 24.98 -17.60
CA ILE A 174 -0.14 25.04 -17.28
C ILE A 174 -0.81 25.94 -18.32
N ILE A 175 -1.80 25.38 -18.98
CA ILE A 175 -2.58 26.09 -19.97
C ILE A 175 -3.97 26.50 -19.39
N ASP A 176 -4.06 27.76 -18.94
CA ASP A 176 -5.22 28.34 -18.28
C ASP A 176 -5.92 29.36 -19.21
N THR A 177 -6.50 28.89 -20.31
CA THR A 177 -7.15 29.78 -21.27
C THR A 177 -8.67 29.59 -21.25
N ALA A 191 0.75 22.41 -34.08
CA ALA A 191 2.12 22.85 -33.82
C ALA A 191 2.36 23.18 -32.32
N PHE A 192 1.35 23.76 -31.67
CA PHE A 192 1.45 24.20 -30.27
C PHE A 192 1.81 23.08 -29.27
N TYR A 193 1.16 21.92 -29.38
CA TYR A 193 1.38 20.82 -28.43
C TYR A 193 2.68 20.04 -28.63
N LYS A 194 3.21 20.06 -29.86
CA LYS A 194 4.59 19.62 -30.13
C LYS A 194 5.59 20.48 -29.34
N ASP A 195 5.46 21.80 -29.43
CA ASP A 195 6.27 22.77 -28.70
C ASP A 195 6.13 22.68 -27.17
N VAL A 196 4.92 22.45 -26.67
CA VAL A 196 4.71 22.26 -25.22
C VAL A 196 5.50 21.01 -24.80
N LEU A 197 5.36 19.94 -25.56
CA LEU A 197 6.13 18.71 -25.33
C LEU A 197 7.63 18.95 -25.42
N ARG A 198 8.04 19.72 -26.42
CA ARG A 198 9.45 20.02 -26.67
C ARG A 198 10.05 20.80 -25.49
N ILE A 199 9.34 21.83 -25.02
CA ILE A 199 9.86 22.74 -23.97
C ILE A 199 9.84 22.18 -22.54
N LEU A 200 9.21 21.02 -22.36
CA LEU A 200 9.18 20.33 -21.06
C LEU A 200 10.44 19.48 -20.88
N LYS A 201 10.99 19.43 -19.66
CA LYS A 201 12.03 18.44 -19.31
C LYS A 201 11.46 17.01 -19.40
N PRO A 202 12.32 15.95 -19.51
CA PRO A 202 11.83 14.55 -19.58
C PRO A 202 10.70 14.14 -18.62
N ASP A 203 10.71 14.68 -17.41
CA ASP A 203 9.71 14.38 -16.38
C ASP A 203 8.58 15.42 -16.35
N GLY A 204 8.37 16.05 -17.50
CA GLY A 204 7.45 17.18 -17.62
C GLY A 204 5.98 16.82 -17.44
N ILE A 205 5.25 17.76 -16.82
CA ILE A 205 3.81 17.72 -16.64
C ILE A 205 3.23 18.88 -17.46
N CYS A 206 2.23 18.58 -18.28
CA CYS A 206 1.40 19.56 -18.96
C CYS A 206 -0.03 19.44 -18.42
N CYS A 207 -0.66 20.58 -18.20
CA CYS A 207 -1.99 20.60 -17.63
C CYS A 207 -2.80 21.69 -18.30
N ASN A 208 -3.86 21.31 -19.01
CA ASN A 208 -4.75 22.32 -19.61
C ASN A 208 -6.16 22.34 -19.03
N GLN A 209 -6.83 23.46 -19.27
CA GLN A 209 -8.26 23.55 -19.04
C GLN A 209 -9.01 22.72 -20.07
N GLY A 210 -9.68 21.68 -19.58
CA GLY A 210 -10.55 20.85 -20.39
C GLY A 210 -11.97 21.39 -20.51
N GLU A 211 -12.68 20.90 -21.51
CA GLU A 211 -14.09 21.19 -21.63
C GLU A 211 -14.90 20.29 -20.69
N SER A 212 -16.18 20.63 -20.50
CA SER A 212 -17.12 19.82 -19.71
C SER A 212 -17.44 18.51 -20.46
N ILE A 213 -17.47 17.40 -19.72
CA ILE A 213 -17.85 16.08 -20.24
C ILE A 213 -19.35 15.99 -20.64
N TRP A 214 -20.15 16.89 -20.08
CA TRP A 214 -21.55 17.07 -20.44
C TRP A 214 -21.60 17.83 -21.76
N LEU A 215 -21.10 19.07 -21.73
CA LEU A 215 -21.12 19.99 -22.86
C LEU A 215 -20.43 19.40 -24.10
N ASP A 216 -19.17 18.97 -23.96
CA ASP A 216 -18.30 18.62 -25.08
C ASP A 216 -17.47 17.35 -24.82
N LEU A 217 -18.13 16.21 -24.60
CA LEU A 217 -17.40 14.94 -24.46
C LEU A 217 -16.58 14.67 -25.71
N GLU A 218 -17.18 14.97 -26.86
CA GLU A 218 -16.54 14.84 -28.17
C GLU A 218 -15.21 15.61 -28.26
N LEU A 219 -15.22 16.88 -27.86
CA LEU A 219 -13.96 17.64 -27.87
C LEU A 219 -12.86 16.97 -27.00
N ILE A 220 -13.21 16.65 -25.75
CA ILE A 220 -12.26 16.02 -24.79
C ILE A 220 -11.66 14.72 -25.29
N GLU A 221 -12.47 13.87 -25.91
CA GLU A 221 -12.00 12.62 -26.53
C GLU A 221 -10.91 12.94 -27.54
N LYS A 222 -11.19 13.93 -28.38
CA LYS A 222 -10.32 14.34 -29.47
C LYS A 222 -9.02 14.96 -28.92
N MET A 223 -9.14 15.93 -28.01
CA MET A 223 -7.98 16.56 -27.32
C MET A 223 -7.05 15.53 -26.71
N SER A 224 -7.63 14.53 -26.04
CA SER A 224 -6.90 13.51 -25.32
C SER A 224 -6.08 12.65 -26.28
N ARG A 225 -6.73 12.17 -27.34
CA ARG A 225 -6.04 11.49 -28.45
C ARG A 225 -4.96 12.42 -29.03
N PHE A 226 -5.33 13.65 -29.39
CA PHE A 226 -4.39 14.62 -29.95
C PHE A 226 -3.11 14.70 -29.12
N ILE A 227 -3.27 15.07 -27.85
CA ILE A 227 -2.15 15.20 -26.92
C ILE A 227 -1.28 13.94 -26.84
N ARG A 228 -1.90 12.77 -26.72
CA ARG A 228 -1.16 11.49 -26.64
C ARG A 228 -0.33 11.24 -27.91
N GLU A 229 -0.92 11.55 -29.07
CA GLU A 229 -0.29 11.38 -30.38
C GLU A 229 0.91 12.28 -30.62
N THR A 230 0.81 13.56 -30.23
CA THR A 230 1.93 14.51 -30.38
C THR A 230 3.12 14.13 -29.49
N GLY A 231 2.94 13.15 -28.61
CA GLY A 231 4.05 12.55 -27.87
C GLY A 231 3.89 12.28 -26.39
N PHE A 232 2.90 12.91 -25.73
CA PHE A 232 2.67 12.65 -24.28
C PHE A 232 2.28 11.20 -23.99
N ALA A 233 2.91 10.62 -22.98
CA ALA A 233 2.74 9.21 -22.63
C ALA A 233 1.42 8.85 -21.93
N SER A 234 1.02 9.65 -20.94
CA SER A 234 -0.26 9.46 -20.25
C SER A 234 -1.07 10.76 -20.23
N VAL A 235 -2.35 10.65 -20.56
CA VAL A 235 -3.28 11.78 -20.52
C VAL A 235 -4.46 11.33 -19.66
N GLN A 236 -4.77 12.11 -18.63
CA GLN A 236 -5.86 11.80 -17.69
C GLN A 236 -6.69 13.06 -17.43
N TYR A 237 -8.01 12.90 -17.49
CA TYR A 237 -8.95 13.98 -17.26
C TYR A 237 -9.42 13.99 -15.82
N ALA A 238 -9.25 15.15 -15.18
CA ALA A 238 -9.73 15.46 -13.81
C ALA A 238 -10.94 16.38 -13.82
N LEU A 239 -11.96 15.99 -13.07
CA LEU A 239 -13.22 16.70 -13.03
C LEU A 239 -13.25 17.65 -11.83
N MET A 240 -14.01 18.74 -11.92
CA MET A 240 -14.07 19.72 -10.85
C MET A 240 -15.50 19.98 -10.40
N HIS A 241 -15.68 20.34 -9.12
CA HIS A 241 -17.01 20.70 -8.60
C HIS A 241 -17.09 22.19 -8.43
N VAL A 242 -17.86 22.80 -9.32
CA VAL A 242 -18.09 24.25 -9.36
C VAL A 242 -19.52 24.52 -8.84
N PRO A 243 -19.76 25.65 -8.13
CA PRO A 243 -21.16 25.90 -7.74
C PRO A 243 -22.13 26.07 -8.92
N THR A 244 -21.68 26.67 -10.04
CA THR A 244 -22.48 26.61 -11.30
C THR A 244 -21.70 26.49 -12.64
N TYR A 245 -22.28 25.74 -13.57
CA TYR A 245 -21.66 25.28 -14.81
C TYR A 245 -22.61 25.47 -16.02
N ILE A 250 -16.65 21.77 -16.03
CA ILE A 250 -15.23 22.12 -16.19
C ILE A 250 -14.27 21.14 -15.49
N GLY A 251 -13.04 21.09 -15.96
CA GLY A 251 -12.05 20.13 -15.47
C GLY A 251 -10.68 20.33 -16.08
N THR A 252 -9.80 19.34 -15.99
CA THR A 252 -8.45 19.49 -16.52
C THR A 252 -7.84 18.23 -17.12
N LEU A 253 -7.17 18.36 -18.26
CA LEU A 253 -6.30 17.27 -18.73
C LEU A 253 -4.91 17.40 -18.10
N VAL A 254 -4.47 16.30 -17.49
CA VAL A 254 -3.17 16.22 -16.81
C VAL A 254 -2.32 15.24 -17.63
N CYS A 255 -1.25 15.74 -18.21
CA CYS A 255 -0.45 15.00 -19.21
C CYS A 255 0.99 14.88 -18.77
N SER A 256 1.45 13.64 -18.67
CA SER A 256 2.83 13.30 -18.31
C SER A 256 3.59 12.82 -19.56
N LYS A 257 4.84 13.24 -19.67
CA LYS A 257 5.72 12.93 -20.80
C LYS A 257 6.30 11.51 -20.73
N LYS A 258 6.60 11.06 -19.50
CA LYS A 258 7.14 9.72 -19.21
C LYS A 258 5.97 8.80 -18.77
N ALA A 259 5.89 7.58 -19.33
CA ALA A 259 4.82 6.59 -19.01
C ALA A 259 5.05 5.77 -17.72
N GLY A 260 4.04 5.00 -17.31
CA GLY A 260 4.06 4.27 -16.04
C GLY A 260 3.65 5.11 -14.83
N VAL A 261 3.99 6.40 -14.88
CA VAL A 261 3.61 7.40 -13.87
C VAL A 261 2.08 7.62 -13.83
N ASP A 262 1.47 7.09 -12.77
CA ASP A 262 0.04 7.22 -12.46
C ASP A 262 -0.31 8.59 -11.84
N VAL A 263 -0.65 9.56 -12.70
CA VAL A 263 -0.95 10.93 -12.27
C VAL A 263 -2.19 11.05 -11.36
N THR A 264 -2.93 9.95 -11.24
CA THR A 264 -4.17 9.96 -10.46
C THR A 264 -3.89 9.91 -8.94
N LYS A 265 -2.69 9.51 -8.56
CA LYS A 265 -2.28 9.58 -7.15
C LYS A 265 -1.16 10.61 -6.97
N PRO A 266 -1.33 11.59 -6.05
CA PRO A 266 -0.32 12.63 -5.81
C PRO A 266 1.08 12.06 -5.56
N LEU A 267 2.03 12.53 -6.37
CA LEU A 267 3.43 12.15 -6.24
C LEU A 267 4.12 12.93 -5.12
N ARG A 268 3.61 14.11 -4.84
CA ARG A 268 4.08 14.89 -3.72
C ARG A 268 2.82 15.39 -3.00
N PRO A 269 2.24 14.56 -2.12
CA PRO A 269 1.01 14.95 -1.39
C PRO A 269 1.17 16.31 -0.71
N VAL A 270 0.15 17.15 -0.85
CA VAL A 270 0.12 18.53 -0.34
C VAL A 270 0.09 18.54 1.18
N GLU A 271 -0.42 17.46 1.76
CA GLU A 271 -0.49 17.23 3.20
C GLU A 271 0.88 17.26 3.90
N ASP A 272 1.94 16.86 3.19
CA ASP A 272 3.34 17.00 3.68
C ASP A 272 3.92 18.43 3.59
N MET A 273 3.18 19.35 2.96
CA MET A 273 3.65 20.70 2.68
C MET A 273 3.04 21.70 3.63
N PRO A 274 3.73 22.83 3.89
CA PRO A 274 3.29 23.71 4.97
C PRO A 274 1.99 24.48 4.74
N PHE A 275 1.55 24.56 3.49
CA PHE A 275 0.40 25.40 3.14
C PHE A 275 -0.92 24.60 2.98
N ALA A 276 -0.87 23.30 3.26
CA ALA A 276 -2.01 22.40 2.97
C ALA A 276 -3.33 22.92 3.54
N LYS A 277 -3.27 23.52 4.72
CA LYS A 277 -4.52 23.92 5.38
C LYS A 277 -5.00 25.29 4.93
N ASP A 278 -4.23 25.93 4.04
CA ASP A 278 -4.55 27.21 3.40
C ASP A 278 -5.52 27.05 2.22
N LEU A 279 -5.60 25.84 1.70
CA LEU A 279 -6.39 25.56 0.50
C LEU A 279 -7.83 25.29 0.93
N LYS A 280 -8.80 25.67 0.11
CA LYS A 280 -10.20 25.59 0.49
C LYS A 280 -10.91 24.47 -0.28
N TYR A 281 -10.33 24.06 -1.41
CA TYR A 281 -10.88 22.93 -2.19
C TYR A 281 -9.96 21.73 -2.18
N TYR A 282 -8.72 21.93 -2.64
CA TYR A 282 -7.83 20.83 -3.06
C TYR A 282 -7.18 20.13 -1.87
N ASP A 283 -7.19 18.79 -1.92
CA ASP A 283 -6.28 17.91 -1.15
C ASP A 283 -6.02 16.61 -1.91
N SER A 284 -5.30 15.68 -1.28
CA SER A 284 -5.00 14.40 -1.93
C SER A 284 -6.22 13.57 -2.26
N GLU A 285 -7.24 13.59 -1.40
CA GLU A 285 -8.46 12.76 -1.64
C GLU A 285 -9.22 13.30 -2.85
N MET A 286 -9.40 14.62 -2.89
CA MET A 286 -9.96 15.30 -4.06
C MET A 286 -9.19 15.05 -5.34
N HIS A 287 -7.86 15.00 -5.24
CA HIS A 287 -6.98 14.70 -6.34
C HIS A 287 -7.31 13.29 -6.90
N LYS A 288 -7.30 12.29 -6.02
CA LYS A 288 -7.67 10.91 -6.38
C LYS A 288 -9.09 10.89 -6.92
N ALA A 289 -10.04 11.47 -6.18
CA ALA A 289 -11.46 11.45 -6.58
C ALA A 289 -11.69 12.08 -7.94
N SER A 290 -10.94 13.14 -8.25
CA SER A 290 -11.15 13.96 -9.45
C SER A 290 -11.04 13.16 -10.78
N PHE A 291 -10.27 12.08 -10.76
CA PHE A 291 -10.08 11.25 -11.94
C PHE A 291 -11.13 10.13 -12.09
N ALA A 292 -12.01 9.96 -11.10
CA ALA A 292 -13.11 9.02 -11.24
C ALA A 292 -14.24 9.73 -12.01
N LEU A 293 -14.48 9.20 -13.22
CA LEU A 293 -15.41 9.80 -14.17
C LEU A 293 -16.72 9.02 -14.24
N PRO A 294 -17.87 9.72 -14.37
CA PRO A 294 -19.15 9.03 -14.55
C PRO A 294 -18.96 8.03 -15.68
N ARG A 295 -19.68 6.92 -15.63
CA ARG A 295 -19.49 5.83 -16.60
C ARG A 295 -19.55 6.20 -18.08
N PHE A 296 -20.47 7.11 -18.47
CA PHE A 296 -20.55 7.53 -19.87
C PHE A 296 -19.25 8.22 -20.37
N ALA A 297 -18.43 8.71 -19.44
CA ALA A 297 -17.23 9.45 -19.80
C ALA A 297 -15.94 8.74 -19.48
N ARG A 298 -16.02 7.59 -18.79
CA ARG A 298 -14.84 6.87 -18.24
C ARG A 298 -13.74 6.54 -19.26
N HIS A 299 -14.14 6.20 -20.48
CA HIS A 299 -13.22 5.77 -21.56
C HIS A 299 -12.23 6.89 -21.94
N ILE A 300 -12.51 8.13 -21.53
CA ILE A 300 -11.55 9.24 -21.64
C ILE A 300 -10.24 8.86 -20.95
N ASN A 301 -10.33 8.32 -19.74
CA ASN A 301 -9.17 7.98 -18.91
C ASN A 301 -8.71 6.54 -19.14
N GLU B 13 -49.60 30.18 -17.14
CA GLU B 13 -48.65 31.29 -17.41
C GLU B 13 -47.77 30.98 -18.62
N LEU B 14 -47.09 29.83 -18.58
CA LEU B 14 -46.06 29.46 -19.58
C LEU B 14 -46.59 29.33 -20.99
N ILE B 15 -45.88 29.92 -21.97
CA ILE B 15 -46.17 29.65 -23.41
C ILE B 15 -45.00 29.08 -24.24
N SER B 16 -45.34 28.36 -25.30
CA SER B 16 -44.41 27.85 -26.33
C SER B 16 -43.65 28.95 -27.03
N GLY B 17 -42.33 28.96 -26.85
CA GLY B 17 -41.47 30.04 -27.35
C GLY B 17 -41.03 30.96 -26.24
N GLY B 18 -41.84 31.07 -25.18
CA GLY B 18 -41.44 31.76 -23.94
C GLY B 18 -40.32 31.06 -23.18
N TRP B 19 -39.87 31.69 -22.10
CA TRP B 19 -38.76 31.17 -21.30
C TRP B 19 -39.24 30.78 -19.91
N PHE B 20 -38.83 29.57 -19.47
CA PHE B 20 -38.98 29.16 -18.07
C PHE B 20 -37.82 29.75 -17.26
N ARG B 21 -38.17 30.50 -16.22
CA ARG B 21 -37.18 31.11 -15.32
C ARG B 21 -37.13 30.36 -13.99
N GLU B 22 -35.96 29.83 -13.63
CA GLU B 22 -35.76 29.17 -12.34
C GLU B 22 -34.90 30.06 -11.45
N GLU B 23 -35.49 30.56 -10.36
CA GLU B 23 -34.80 31.35 -9.35
C GLU B 23 -34.85 30.65 -8.00
N ASN B 24 -33.89 30.97 -7.14
CA ASN B 24 -33.77 30.42 -5.78
C ASN B 24 -33.57 31.53 -4.73
N ASP B 25 -34.44 31.54 -3.73
CA ASP B 25 -34.46 32.58 -2.69
C ASP B 25 -33.25 32.58 -1.74
N GLN B 26 -32.59 31.42 -1.61
CA GLN B 26 -31.33 31.30 -0.87
C GLN B 26 -30.15 31.90 -1.66
N TRP B 27 -30.33 32.07 -2.98
CA TRP B 27 -29.31 32.63 -3.89
C TRP B 27 -29.85 33.77 -4.77
N PRO B 28 -29.93 34.99 -4.22
CA PRO B 28 -30.56 36.09 -4.95
C PRO B 28 -29.64 36.74 -5.99
N GLY B 29 -30.25 37.20 -7.08
CA GLY B 29 -29.52 37.90 -8.12
C GLY B 29 -29.02 36.96 -9.19
N GLN B 30 -29.50 35.71 -9.18
CA GLN B 30 -29.30 34.81 -10.33
C GLN B 30 -30.57 34.13 -10.81
N ALA B 31 -30.54 33.65 -12.05
CA ALA B 31 -31.62 32.88 -12.63
C ALA B 31 -31.07 32.02 -13.72
N MET B 32 -31.58 30.80 -13.76
CA MET B 32 -31.30 29.87 -14.84
C MET B 32 -32.56 29.83 -15.67
N SER B 33 -32.40 30.07 -16.95
CA SER B 33 -33.53 30.10 -17.84
C SER B 33 -33.41 29.02 -18.87
N LEU B 34 -34.57 28.50 -19.23
CA LEU B 34 -34.70 27.53 -20.29
C LEU B 34 -35.82 27.98 -21.23
N ARG B 35 -35.51 27.89 -22.53
CA ARG B 35 -36.50 28.11 -23.58
C ARG B 35 -37.46 26.95 -23.66
N VAL B 36 -38.74 27.29 -23.66
CA VAL B 36 -39.84 26.34 -23.71
C VAL B 36 -40.26 26.08 -25.18
N GLU B 37 -40.26 24.82 -25.62
CA GLU B 37 -40.76 24.51 -26.95
C GLU B 37 -42.26 24.23 -26.87
N LYS B 38 -42.65 23.33 -25.97
CA LYS B 38 -44.04 22.90 -25.83
C LYS B 38 -44.42 22.70 -24.37
N VAL B 39 -45.30 23.57 -23.89
CA VAL B 39 -45.94 23.38 -22.60
C VAL B 39 -46.72 22.06 -22.65
N LEU B 40 -46.50 21.24 -21.63
CA LEU B 40 -47.08 19.90 -21.53
C LEU B 40 -48.06 19.79 -20.36
N TYR B 41 -47.74 20.45 -19.26
CA TYR B 41 -48.66 20.56 -18.14
C TYR B 41 -48.26 21.80 -17.39
N ASP B 42 -49.25 22.60 -16.99
CA ASP B 42 -49.05 23.76 -16.15
C ASP B 42 -50.31 24.09 -15.36
N ALA B 43 -50.44 23.47 -14.19
CA ALA B 43 -51.59 23.65 -13.32
C ALA B 43 -51.20 23.38 -11.86
N PRO B 44 -51.94 24.00 -10.91
CA PRO B 44 -51.81 23.57 -9.52
C PRO B 44 -52.35 22.16 -9.36
N THR B 45 -51.85 21.51 -8.32
CA THR B 45 -52.20 20.15 -8.01
C THR B 45 -52.87 20.31 -6.62
N LYS B 46 -53.30 19.23 -5.96
CA LYS B 46 -53.76 19.32 -4.56
C LYS B 46 -52.69 19.84 -3.58
N PHE B 47 -51.41 19.71 -3.94
CA PHE B 47 -50.30 20.00 -3.01
C PHE B 47 -49.29 21.01 -3.54
N GLN B 48 -49.17 21.14 -4.86
CA GLN B 48 -48.12 21.93 -5.48
C GLN B 48 -48.39 22.33 -6.93
N HIS B 49 -47.64 23.30 -7.42
CA HIS B 49 -47.75 23.72 -8.80
C HIS B 49 -46.87 22.81 -9.66
N LEU B 50 -47.50 22.00 -10.51
CA LEU B 50 -46.75 21.14 -11.40
C LEU B 50 -46.65 21.79 -12.77
N THR B 51 -45.42 21.83 -13.28
CA THR B 51 -45.06 22.39 -14.57
C THR B 51 -44.19 21.38 -15.30
N ILE B 52 -44.69 20.89 -16.44
CA ILE B 52 -43.94 20.05 -17.37
C ILE B 52 -43.88 20.71 -18.76
N PHE B 53 -42.71 20.70 -19.39
CA PHE B 53 -42.54 21.20 -20.77
C PHE B 53 -41.43 20.52 -21.55
N GLU B 54 -41.63 20.42 -22.86
CA GLU B 54 -40.55 20.09 -23.80
C GLU B 54 -39.64 21.33 -23.98
N SER B 55 -38.34 21.17 -23.72
CA SER B 55 -37.37 22.28 -23.86
C SER B 55 -36.86 22.37 -25.29
N ASP B 56 -35.95 23.32 -25.55
CA ASP B 56 -35.44 23.53 -26.90
C ASP B 56 -34.82 22.24 -27.46
N PRO B 57 -35.40 21.69 -28.56
CA PRO B 57 -34.96 20.46 -29.24
C PRO B 57 -33.49 20.52 -29.64
N LYS B 58 -32.98 21.73 -29.87
CA LYS B 58 -31.57 21.90 -30.16
C LYS B 58 -30.68 21.91 -28.90
N GLY B 59 -31.33 22.03 -27.73
CA GLY B 59 -30.68 21.82 -26.41
C GLY B 59 -30.56 20.35 -26.02
N PRO B 60 -29.94 20.06 -24.87
CA PRO B 60 -29.78 18.63 -24.52
C PRO B 60 -30.89 18.07 -23.61
N TRP B 61 -31.69 18.94 -23.02
CA TRP B 61 -32.51 18.59 -21.86
C TRP B 61 -33.73 17.71 -22.07
N GLY B 62 -34.38 17.83 -23.23
CA GLY B 62 -35.62 17.10 -23.52
C GLY B 62 -36.72 17.65 -22.66
N THR B 63 -37.56 16.75 -22.12
CA THR B 63 -38.69 17.10 -21.25
C THR B 63 -38.17 17.49 -19.86
N VAL B 64 -38.81 18.47 -19.25
CA VAL B 64 -38.37 19.08 -18.00
C VAL B 64 -39.57 19.12 -17.03
N MET B 65 -39.34 18.69 -15.79
CA MET B 65 -40.36 18.76 -14.75
C MET B 65 -39.93 19.70 -13.62
N ALA B 66 -40.85 20.59 -13.27
CA ALA B 66 -40.65 21.51 -12.17
C ALA B 66 -41.78 21.39 -11.16
N LEU B 67 -41.44 21.57 -9.88
CA LEU B 67 -42.48 21.63 -8.86
C LEU B 67 -42.30 22.90 -8.08
N ASP B 68 -43.37 23.70 -8.04
CA ASP B 68 -43.30 25.04 -7.50
C ASP B 68 -42.11 25.83 -8.08
N GLY B 69 -41.93 25.73 -9.40
CA GLY B 69 -40.92 26.48 -10.14
C GLY B 69 -39.49 26.00 -9.96
N CYS B 70 -39.31 24.90 -9.22
CA CYS B 70 -38.00 24.25 -9.06
C CYS B 70 -37.95 22.99 -9.88
N ILE B 71 -37.02 22.94 -10.82
CA ILE B 71 -36.83 21.75 -11.67
C ILE B 71 -36.39 20.59 -10.79
N GLN B 72 -37.05 19.45 -10.98
CA GLN B 72 -36.81 18.21 -10.23
C GLN B 72 -36.30 17.09 -11.13
N VAL B 73 -36.73 17.08 -12.40
CA VAL B 73 -36.38 16.03 -13.36
C VAL B 73 -36.22 16.67 -14.76
N THR B 74 -35.22 16.19 -15.51
CA THR B 74 -35.08 16.46 -16.94
C THR B 74 -34.67 15.12 -17.52
N ASP B 75 -34.99 14.89 -18.81
CA ASP B 75 -34.63 13.61 -19.46
C ASP B 75 -33.13 13.44 -19.50
N TYR B 76 -32.42 14.55 -19.66
CA TYR B 76 -31.00 14.48 -19.95
C TYR B 76 -30.19 13.95 -18.75
N ASP B 77 -30.48 14.49 -17.56
CA ASP B 77 -29.65 14.27 -16.38
C ASP B 77 -30.20 13.28 -15.34
N GLU B 78 -31.44 12.80 -15.52
CA GLU B 78 -32.15 12.03 -14.49
C GLU B 78 -31.38 10.80 -14.02
N PHE B 79 -30.64 10.17 -14.95
CA PHE B 79 -29.83 9.01 -14.64
C PHE B 79 -28.84 9.23 -13.49
N VAL B 80 -28.31 10.45 -13.34
CA VAL B 80 -27.31 10.74 -12.32
C VAL B 80 -27.89 10.54 -10.94
N TYR B 81 -28.83 11.37 -10.54
CA TYR B 81 -29.34 11.37 -9.17
C TYR B 81 -30.19 10.12 -8.84
N HIS B 82 -30.74 9.46 -9.86
CA HIS B 82 -31.46 8.22 -9.62
C HIS B 82 -30.51 7.05 -9.43
N GLU B 83 -29.42 7.00 -10.20
CA GLU B 83 -28.40 5.95 -10.02
C GLU B 83 -27.68 6.18 -8.68
N VAL B 84 -27.33 7.42 -8.39
CA VAL B 84 -26.67 7.69 -7.12
C VAL B 84 -27.53 7.30 -5.90
N LEU B 85 -28.78 7.76 -5.85
CA LEU B 85 -29.70 7.36 -4.78
C LEU B 85 -29.97 5.85 -4.69
N GLY B 86 -30.27 5.22 -5.83
CA GLY B 86 -30.60 3.80 -5.86
C GLY B 86 -29.44 2.89 -5.43
N HIS B 87 -28.30 3.03 -6.11
CA HIS B 87 -27.17 2.11 -5.91
C HIS B 87 -26.23 2.39 -4.74
N THR B 88 -25.99 3.65 -4.37
CA THR B 88 -25.10 3.93 -3.23
C THR B 88 -25.72 3.33 -1.95
N SER B 89 -27.04 3.48 -1.80
CA SER B 89 -27.77 2.87 -0.69
C SER B 89 -27.77 1.32 -0.78
N LEU B 90 -28.19 0.77 -1.92
CA LEU B 90 -28.34 -0.67 -2.04
C LEU B 90 -27.04 -1.46 -2.05
N CYS B 91 -26.00 -0.94 -2.69
CA CYS B 91 -24.65 -1.54 -2.64
C CYS B 91 -23.94 -1.36 -1.27
N SER B 92 -24.53 -0.57 -0.37
CA SER B 92 -24.03 -0.47 1.01
C SER B 92 -24.74 -1.44 1.96
N HIS B 93 -25.62 -2.27 1.41
CA HIS B 93 -26.46 -3.18 2.20
C HIS B 93 -26.16 -4.65 1.88
N PRO B 94 -26.06 -5.52 2.91
CA PRO B 94 -25.68 -6.91 2.62
C PRO B 94 -26.72 -7.65 1.83
N LYS B 95 -27.99 -7.33 2.06
CA LYS B 95 -29.10 -8.03 1.41
C LYS B 95 -30.36 -7.15 1.41
N PRO B 96 -30.50 -6.25 0.40
CA PRO B 96 -31.67 -5.39 0.46
C PRO B 96 -32.89 -6.08 -0.13
N GLU B 97 -33.77 -6.54 0.75
CA GLU B 97 -34.93 -7.29 0.30
C GLU B 97 -36.19 -6.49 0.27
N ARG B 98 -36.39 -5.68 1.29
CA ARG B 98 -37.56 -4.82 1.36
C ARG B 98 -37.13 -3.35 1.42
N VAL B 99 -37.62 -2.59 0.45
CA VAL B 99 -37.19 -1.22 0.20
C VAL B 99 -38.35 -0.22 0.29
N LEU B 100 -38.17 0.88 1.03
CA LEU B 100 -39.11 1.99 1.02
C LEU B 100 -38.56 3.25 0.25
N ILE B 101 -39.38 3.85 -0.62
CA ILE B 101 -39.05 5.15 -1.24
C ILE B 101 -40.13 6.15 -0.85
N ILE B 102 -39.69 7.22 -0.20
CA ILE B 102 -40.56 8.34 0.13
C ILE B 102 -40.27 9.43 -0.92
N GLY B 103 -41.34 9.96 -1.53
CA GLY B 103 -41.21 10.90 -2.63
C GLY B 103 -41.05 10.06 -3.88
N GLY B 104 -40.28 10.54 -4.86
CA GLY B 104 -39.94 9.77 -6.04
C GLY B 104 -41.07 9.29 -6.93
N GLY B 105 -42.19 10.03 -6.94
CA GLY B 105 -43.37 9.74 -7.77
C GLY B 105 -43.13 9.48 -9.25
N ASP B 106 -42.04 10.06 -9.77
CA ASP B 106 -41.57 9.88 -11.15
C ASP B 106 -41.05 8.48 -11.45
N GLY B 107 -40.67 7.73 -10.41
CA GLY B 107 -40.29 6.33 -10.59
C GLY B 107 -38.80 6.06 -10.85
N GLY B 108 -38.01 7.13 -10.99
CA GLY B 108 -36.58 7.04 -11.33
C GLY B 108 -35.74 6.25 -10.35
N VAL B 109 -35.81 6.62 -9.07
CA VAL B 109 -35.16 5.82 -8.01
C VAL B 109 -35.63 4.35 -8.01
N LEU B 110 -36.95 4.17 -8.08
CA LEU B 110 -37.59 2.84 -8.13
C LEU B 110 -37.08 1.97 -9.28
N ARG B 111 -36.90 2.57 -10.46
CA ARG B 111 -36.36 1.83 -11.63
C ARG B 111 -34.95 1.33 -11.33
N GLU B 112 -34.19 2.10 -10.55
CA GLU B 112 -32.82 1.73 -10.22
C GLU B 112 -32.80 0.68 -9.12
N VAL B 113 -33.63 0.88 -8.09
CA VAL B 113 -33.82 -0.10 -7.02
C VAL B 113 -34.16 -1.49 -7.57
N LEU B 114 -35.12 -1.53 -8.50
CA LEU B 114 -35.59 -2.82 -9.07
C LEU B 114 -34.62 -3.56 -10.02
N ARG B 115 -33.59 -2.85 -10.52
CA ARG B 115 -32.47 -3.54 -11.19
C ARG B 115 -31.86 -4.62 -10.29
N HIS B 116 -31.96 -4.43 -8.97
CA HIS B 116 -31.33 -5.33 -8.00
C HIS B 116 -32.18 -6.57 -7.77
N GLY B 117 -31.51 -7.72 -7.96
CA GLY B 117 -32.13 -9.05 -7.85
C GLY B 117 -32.50 -9.44 -6.44
N THR B 118 -31.88 -8.80 -5.44
CA THR B 118 -32.13 -9.15 -4.06
C THR B 118 -33.40 -8.49 -3.54
N VAL B 119 -33.91 -7.48 -4.23
CA VAL B 119 -35.13 -6.77 -3.84
C VAL B 119 -36.38 -7.64 -4.11
N GLU B 120 -37.14 -7.92 -3.06
CA GLU B 120 -38.40 -8.66 -3.16
C GLU B 120 -39.52 -7.69 -3.39
N HIS B 121 -39.56 -6.66 -2.56
CA HIS B 121 -40.58 -5.65 -2.62
C HIS B 121 -39.99 -4.27 -2.39
N CYS B 122 -40.51 -3.31 -3.13
CA CYS B 122 -40.25 -1.95 -2.84
C CYS B 122 -41.57 -1.26 -2.66
N ASP B 123 -41.75 -0.62 -1.50
CA ASP B 123 -42.87 0.32 -1.31
C ASP B 123 -42.46 1.73 -1.76
N LEU B 124 -43.41 2.47 -2.31
CA LEU B 124 -43.17 3.83 -2.75
C LEU B 124 -44.36 4.64 -2.31
N VAL B 125 -44.10 5.73 -1.60
CA VAL B 125 -45.16 6.65 -1.21
C VAL B 125 -44.85 8.08 -1.64
N ASP B 126 -45.72 8.65 -2.45
CA ASP B 126 -45.62 10.03 -2.92
C ASP B 126 -46.96 10.73 -2.68
N ILE B 127 -46.90 11.86 -1.97
CA ILE B 127 -48.08 12.63 -1.55
C ILE B 127 -48.98 13.14 -2.70
N ASP B 128 -48.39 13.30 -3.89
CA ASP B 128 -49.03 13.95 -5.03
C ASP B 128 -49.26 12.95 -6.17
N GLY B 129 -50.52 12.52 -6.31
CA GLY B 129 -50.91 11.54 -7.32
C GLY B 129 -50.77 12.06 -8.74
N GLU B 130 -50.90 13.37 -8.92
CA GLU B 130 -50.70 13.99 -10.22
C GLU B 130 -49.25 13.85 -10.76
N VAL B 131 -48.24 13.94 -9.86
CA VAL B 131 -46.82 13.78 -10.27
C VAL B 131 -46.62 12.43 -10.96
N MET B 132 -47.12 11.38 -10.32
CA MET B 132 -47.01 10.00 -10.82
C MET B 132 -47.78 9.83 -12.13
N GLU B 133 -48.97 10.42 -12.16
CA GLU B 133 -49.84 10.45 -13.34
C GLU B 133 -49.12 11.11 -14.51
N GLN B 134 -48.67 12.34 -14.29
CA GLN B 134 -47.94 13.09 -15.30
C GLN B 134 -46.55 12.51 -15.66
N SER B 135 -45.93 11.75 -14.75
CA SER B 135 -44.69 11.03 -15.09
C SER B 135 -44.95 9.81 -15.98
N LYS B 136 -46.07 9.11 -15.74
CA LYS B 136 -46.52 8.02 -16.61
C LYS B 136 -46.74 8.53 -18.03
N GLN B 137 -47.34 9.70 -18.15
CA GLN B 137 -47.59 10.33 -19.45
C GLN B 137 -46.31 10.84 -20.15
N HIS B 138 -45.56 11.71 -19.48
CA HIS B 138 -44.56 12.51 -20.17
C HIS B 138 -43.11 12.18 -19.86
N PHE B 139 -42.89 11.21 -18.98
CA PHE B 139 -41.56 10.68 -18.78
C PHE B 139 -41.62 9.15 -18.70
N PRO B 140 -42.06 8.45 -19.79
CA PRO B 140 -42.25 6.99 -19.69
C PRO B 140 -40.99 6.24 -19.28
N GLN B 141 -39.84 6.77 -19.72
CA GLN B 141 -38.53 6.16 -19.52
C GLN B 141 -38.04 6.14 -18.08
N ILE B 142 -38.70 6.93 -17.25
CA ILE B 142 -38.42 7.07 -15.83
C ILE B 142 -39.49 6.33 -15.00
N SER B 143 -40.75 6.42 -15.42
CA SER B 143 -41.92 5.92 -14.67
C SER B 143 -42.40 4.47 -14.93
N ARG B 144 -41.86 3.80 -15.96
CA ARG B 144 -42.18 2.40 -16.33
C ARG B 144 -42.09 1.43 -15.14
N SER B 145 -41.23 1.76 -14.19
CA SER B 145 -41.07 1.09 -12.90
C SER B 145 -42.32 1.13 -12.00
N LEU B 146 -43.15 2.17 -12.16
CA LEU B 146 -44.36 2.29 -11.35
C LEU B 146 -45.39 1.14 -11.53
N ALA B 147 -45.30 0.42 -12.65
CA ALA B 147 -46.20 -0.71 -12.95
C ALA B 147 -45.63 -2.09 -12.62
N ASP B 148 -44.40 -2.12 -12.12
CA ASP B 148 -43.71 -3.37 -11.78
C ASP B 148 -44.40 -4.08 -10.60
N PRO B 149 -44.66 -5.41 -10.73
CA PRO B 149 -45.36 -6.17 -9.67
C PRO B 149 -44.60 -6.19 -8.34
N ARG B 150 -43.30 -5.92 -8.39
CA ARG B 150 -42.47 -5.92 -7.18
C ARG B 150 -42.53 -4.60 -6.45
N ALA B 151 -43.27 -3.65 -7.02
CA ALA B 151 -43.44 -2.34 -6.44
C ALA B 151 -44.88 -2.14 -5.98
N THR B 152 -45.07 -1.54 -4.80
CA THR B 152 -46.38 -1.07 -4.41
C THR B 152 -46.26 0.41 -4.26
N VAL B 153 -47.03 1.09 -5.10
CA VAL B 153 -46.96 2.53 -5.28
C VAL B 153 -48.20 3.09 -4.65
N ARG B 154 -48.02 4.05 -3.75
CA ARG B 154 -49.11 4.59 -2.98
C ARG B 154 -49.13 6.10 -2.94
N VAL B 155 -50.34 6.66 -3.05
CA VAL B 155 -50.53 8.11 -2.85
C VAL B 155 -50.71 8.35 -1.34
N GLY B 156 -49.80 9.13 -0.75
CA GLY B 156 -49.94 9.53 0.64
C GLY B 156 -48.77 10.30 1.17
N ASP B 157 -48.98 10.93 2.31
CA ASP B 157 -47.93 11.62 3.07
C ASP B 157 -46.97 10.56 3.65
N GLY B 158 -45.65 10.75 3.46
CA GLY B 158 -44.63 9.79 3.95
C GLY B 158 -44.41 9.88 5.46
N LEU B 159 -44.69 11.05 6.01
CA LEU B 159 -44.71 11.30 7.46
C LEU B 159 -45.72 10.42 8.20
N ALA B 160 -46.96 10.37 7.69
CA ALA B 160 -47.98 9.48 8.25
C ALA B 160 -47.63 8.02 7.96
N PHE B 161 -47.11 7.74 6.77
CA PHE B 161 -46.77 6.39 6.35
C PHE B 161 -45.73 5.76 7.29
N VAL B 162 -44.63 6.47 7.55
CA VAL B 162 -43.59 5.88 8.39
C VAL B 162 -44.01 5.83 9.87
N ARG B 163 -44.87 6.77 10.29
CA ARG B 163 -45.47 6.79 11.63
C ARG B 163 -46.30 5.52 11.87
N GLN B 164 -46.90 5.03 10.80
CA GLN B 164 -47.80 3.88 10.85
C GLN B 164 -47.18 2.55 10.48
N THR B 165 -45.92 2.57 10.08
CA THR B 165 -45.19 1.37 9.69
C THR B 165 -44.66 0.68 10.95
N PRO B 166 -44.69 -0.67 11.00
CA PRO B 166 -44.10 -1.37 12.16
C PRO B 166 -42.57 -1.18 12.27
N ASP B 167 -42.02 -1.44 13.48
CA ASP B 167 -40.57 -1.50 13.71
C ASP B 167 -39.98 -2.57 12.78
N ASN B 168 -38.75 -2.35 12.31
CA ASN B 168 -37.97 -3.39 11.60
C ASN B 168 -38.65 -3.99 10.37
N THR B 169 -39.24 -3.11 9.57
CA THR B 169 -39.87 -3.46 8.30
C THR B 169 -38.88 -3.34 7.14
N TYR B 170 -38.08 -2.28 7.11
CA TYR B 170 -37.28 -1.99 5.92
C TYR B 170 -35.76 -2.24 6.08
N ASP B 171 -35.20 -2.86 5.05
CA ASP B 171 -33.76 -2.95 4.84
C ASP B 171 -33.16 -1.60 4.40
N VAL B 172 -33.89 -0.84 3.57
CA VAL B 172 -33.41 0.44 3.00
C VAL B 172 -34.57 1.44 2.92
N VAL B 173 -34.32 2.67 3.35
CA VAL B 173 -35.29 3.77 3.18
C VAL B 173 -34.62 4.90 2.38
N ILE B 174 -35.24 5.29 1.27
CA ILE B 174 -34.70 6.34 0.41
C ILE B 174 -35.68 7.50 0.42
N ILE B 175 -35.20 8.67 0.87
CA ILE B 175 -36.02 9.89 0.90
C ILE B 175 -35.65 10.80 -0.27
N ASP B 176 -36.55 10.84 -1.23
CA ASP B 176 -36.36 11.53 -2.50
C ASP B 176 -37.35 12.69 -2.62
N THR B 177 -37.16 13.73 -1.81
CA THR B 177 -38.18 14.79 -1.65
C THR B 177 -37.71 16.22 -1.95
N THR B 178 -38.64 17.02 -2.49
CA THR B 178 -38.51 18.47 -2.76
C THR B 178 -37.97 19.29 -1.58
N ALA B 191 -38.43 13.91 14.71
CA ALA B 191 -39.69 13.18 14.84
C ALA B 191 -39.89 12.16 13.70
N PHE B 192 -39.86 12.63 12.46
CA PHE B 192 -39.83 11.77 11.25
C PHE B 192 -38.56 10.90 11.14
N TYR B 193 -37.42 11.45 11.57
CA TYR B 193 -36.15 10.71 11.55
C TYR B 193 -36.04 9.61 12.62
N LYS B 194 -36.74 9.82 13.74
CA LYS B 194 -36.95 8.79 14.76
C LYS B 194 -37.63 7.58 14.12
N ASP B 195 -38.72 7.84 13.40
CA ASP B 195 -39.51 6.82 12.73
C ASP B 195 -38.74 6.04 11.68
N VAL B 196 -37.92 6.73 10.88
CA VAL B 196 -37.11 6.07 9.86
C VAL B 196 -36.14 5.09 10.51
N LEU B 197 -35.55 5.49 11.64
CA LEU B 197 -34.59 4.64 12.35
C LEU B 197 -35.30 3.41 12.93
N ARG B 198 -36.45 3.66 13.53
CA ARG B 198 -37.35 2.65 14.10
C ARG B 198 -37.76 1.58 13.07
N ILE B 199 -38.26 2.00 11.90
CA ILE B 199 -38.76 1.07 10.84
C ILE B 199 -37.68 0.38 10.03
N LEU B 200 -36.44 0.81 10.20
CA LEU B 200 -35.31 0.12 9.58
C LEU B 200 -34.95 -1.09 10.42
N LYS B 201 -34.58 -2.17 9.73
CA LYS B 201 -34.02 -3.38 10.37
C LYS B 201 -32.65 -3.05 11.01
N PRO B 202 -32.10 -3.94 11.87
CA PRO B 202 -30.77 -3.67 12.48
C PRO B 202 -29.65 -3.29 11.51
N ASP B 203 -29.62 -3.94 10.32
CA ASP B 203 -28.68 -3.64 9.25
C ASP B 203 -29.12 -2.51 8.29
N GLY B 204 -30.14 -1.74 8.68
CA GLY B 204 -30.75 -0.72 7.83
C GLY B 204 -29.86 0.40 7.28
N ILE B 205 -30.04 0.71 5.99
CA ILE B 205 -29.42 1.89 5.37
C ILE B 205 -30.51 2.93 5.04
N CYS B 206 -30.35 4.14 5.59
CA CYS B 206 -31.17 5.29 5.22
C CYS B 206 -30.40 6.18 4.28
N CYS B 207 -31.12 6.76 3.33
CA CYS B 207 -30.51 7.57 2.32
C CYS B 207 -31.40 8.77 1.99
N ASN B 208 -30.85 9.97 1.95
CA ASN B 208 -31.72 11.08 1.54
C ASN B 208 -31.14 12.06 0.54
N GLN B 209 -32.03 12.85 -0.07
CA GLN B 209 -31.68 13.98 -0.90
C GLN B 209 -31.10 15.02 0.03
N GLY B 210 -29.82 15.34 -0.20
CA GLY B 210 -29.09 16.30 0.61
C GLY B 210 -29.01 17.66 -0.05
N GLU B 211 -28.79 18.68 0.76
CA GLU B 211 -28.67 20.01 0.24
C GLU B 211 -27.23 20.27 -0.25
N SER B 212 -27.02 21.39 -0.93
CA SER B 212 -25.71 21.73 -1.51
C SER B 212 -24.68 22.11 -0.45
N ILE B 213 -23.44 21.66 -0.62
CA ILE B 213 -22.32 22.11 0.22
C ILE B 213 -22.01 23.58 -0.05
N TRP B 214 -22.36 24.04 -1.26
CA TRP B 214 -22.19 25.43 -1.65
C TRP B 214 -23.26 26.29 -0.99
N LEU B 215 -24.53 26.00 -1.29
CA LEU B 215 -25.70 26.74 -0.78
C LEU B 215 -25.84 26.65 0.75
N ASP B 216 -25.92 25.42 1.25
CA ASP B 216 -26.30 25.14 2.65
C ASP B 216 -25.38 24.15 3.39
N LEU B 217 -24.11 24.50 3.51
CA LEU B 217 -23.13 23.75 4.31
C LEU B 217 -23.64 23.45 5.71
N GLU B 218 -24.21 24.48 6.34
CA GLU B 218 -24.66 24.46 7.72
C GLU B 218 -25.80 23.48 7.95
N LEU B 219 -26.78 23.50 7.04
CA LEU B 219 -27.92 22.57 7.08
C LEU B 219 -27.41 21.13 7.13
N ILE B 220 -26.54 20.77 6.16
CA ILE B 220 -25.89 19.46 6.11
C ILE B 220 -25.20 19.09 7.43
N GLU B 221 -24.42 20.01 8.04
CA GLU B 221 -23.78 19.67 9.32
C GLU B 221 -24.78 19.49 10.46
N LYS B 222 -25.77 20.39 10.57
CA LYS B 222 -26.84 20.27 11.58
C LYS B 222 -27.62 18.96 11.36
N MET B 223 -27.99 18.69 10.09
CA MET B 223 -28.68 17.47 9.67
C MET B 223 -27.93 16.18 9.96
N SER B 224 -26.67 16.13 9.50
CA SER B 224 -25.76 15.02 9.81
C SER B 224 -25.63 14.81 11.31
N ARG B 225 -25.55 15.91 12.05
CA ARG B 225 -25.40 15.86 13.51
C ARG B 225 -26.68 15.36 14.20
N PHE B 226 -27.86 15.84 13.81
CA PHE B 226 -29.09 15.33 14.44
C PHE B 226 -29.54 13.91 14.03
N ILE B 227 -29.23 13.53 12.78
CA ILE B 227 -29.35 12.12 12.37
C ILE B 227 -28.52 11.15 13.23
N ARG B 228 -27.22 11.41 13.37
CA ARG B 228 -26.38 10.63 14.28
C ARG B 228 -26.97 10.57 15.69
N GLU B 229 -27.47 11.73 16.15
CA GLU B 229 -28.03 11.92 17.49
C GLU B 229 -29.28 11.07 17.72
N THR B 230 -30.29 11.23 16.85
CA THR B 230 -31.52 10.39 16.88
C THR B 230 -31.18 8.88 17.01
N GLY B 231 -29.99 8.48 16.54
CA GLY B 231 -29.42 7.17 16.84
C GLY B 231 -28.80 6.38 15.69
N PHE B 232 -28.61 7.01 14.52
CA PHE B 232 -27.86 6.38 13.43
C PHE B 232 -26.37 6.33 13.77
N ALA B 233 -25.73 5.19 13.51
CA ALA B 233 -24.34 4.99 13.92
C ALA B 233 -23.33 5.81 13.09
N SER B 234 -23.54 5.89 11.78
CA SER B 234 -22.68 6.70 10.91
C SER B 234 -23.49 7.47 9.87
N VAL B 235 -22.98 8.65 9.47
CA VAL B 235 -23.56 9.51 8.44
C VAL B 235 -22.43 10.06 7.58
N GLN B 236 -22.57 9.88 6.27
CA GLN B 236 -21.56 10.25 5.27
C GLN B 236 -22.28 10.93 4.10
N TYR B 237 -21.76 12.08 3.68
CA TYR B 237 -22.37 12.88 2.63
C TYR B 237 -21.66 12.60 1.33
N ALA B 238 -22.46 12.22 0.32
CA ALA B 238 -21.94 12.01 -1.03
C ALA B 238 -22.37 13.13 -1.97
N LEU B 239 -21.45 13.48 -2.83
CA LEU B 239 -21.59 14.56 -3.76
C LEU B 239 -21.91 13.97 -5.13
N MET B 240 -22.74 14.66 -5.89
CA MET B 240 -23.00 14.31 -7.30
C MET B 240 -22.47 15.37 -8.26
N HIS B 241 -22.11 14.91 -9.45
CA HIS B 241 -21.74 15.79 -10.55
C HIS B 241 -22.87 15.91 -11.59
N VAL B 242 -23.64 16.99 -11.47
CA VAL B 242 -24.79 17.27 -12.33
C VAL B 242 -24.38 18.25 -13.46
N PRO B 243 -25.01 18.17 -14.64
CA PRO B 243 -24.70 19.15 -15.70
C PRO B 243 -25.02 20.59 -15.36
N THR B 244 -26.12 20.82 -14.63
CA THR B 244 -26.44 22.14 -14.09
C THR B 244 -27.26 22.04 -12.79
N TYR B 245 -26.92 22.88 -11.82
CA TYR B 245 -27.77 23.08 -10.67
C TYR B 245 -27.59 24.50 -10.16
N PRO B 246 -28.56 25.41 -10.46
CA PRO B 246 -28.42 26.85 -10.16
C PRO B 246 -28.42 27.17 -8.65
N CYS B 247 -28.39 26.11 -7.84
CA CYS B 247 -28.43 26.18 -6.37
C CYS B 247 -27.22 25.46 -5.73
N GLY B 248 -26.14 25.32 -6.50
CA GLY B 248 -24.91 24.66 -6.07
C GLY B 248 -24.75 23.24 -6.59
N SER B 249 -24.68 22.30 -5.67
CA SER B 249 -24.52 20.86 -5.96
C SER B 249 -25.67 20.07 -5.33
N ILE B 250 -26.08 18.95 -5.92
CA ILE B 250 -26.99 18.07 -5.18
C ILE B 250 -26.24 16.89 -4.55
N GLY B 251 -26.57 16.63 -3.28
CA GLY B 251 -25.91 15.58 -2.52
C GLY B 251 -26.82 14.53 -1.93
N THR B 252 -26.21 13.59 -1.20
CA THR B 252 -26.95 12.53 -0.49
C THR B 252 -26.35 12.16 0.86
N LEU B 253 -27.16 12.18 1.93
CA LEU B 253 -26.70 11.67 3.21
C LEU B 253 -26.98 10.16 3.31
N VAL B 254 -25.91 9.38 3.42
CA VAL B 254 -26.03 7.94 3.44
C VAL B 254 -25.72 7.53 4.87
N CYS B 255 -26.69 6.85 5.50
CA CYS B 255 -26.74 6.67 6.95
C CYS B 255 -26.94 5.21 7.34
N SER B 256 -26.12 4.75 8.27
CA SER B 256 -26.15 3.37 8.71
C SER B 256 -26.71 3.23 10.11
N LYS B 257 -27.61 2.25 10.25
CA LYS B 257 -28.22 1.94 11.55
C LYS B 257 -27.21 1.24 12.47
N LYS B 258 -26.54 0.22 11.94
CA LYS B 258 -25.51 -0.56 12.64
C LYS B 258 -24.17 0.15 12.66
N ALA B 259 -23.41 -0.02 13.73
CA ALA B 259 -22.04 0.54 13.83
C ALA B 259 -21.05 -0.33 13.08
N GLY B 260 -19.89 0.25 12.75
CA GLY B 260 -18.80 -0.45 12.09
C GLY B 260 -19.07 -0.72 10.62
N VAL B 261 -20.07 -0.05 10.05
CA VAL B 261 -20.34 -0.14 8.62
C VAL B 261 -19.65 1.07 7.95
N ASP B 262 -18.93 0.81 6.86
CA ASP B 262 -18.32 1.93 6.10
C ASP B 262 -19.01 2.07 4.75
N VAL B 263 -19.93 3.04 4.67
CA VAL B 263 -20.73 3.23 3.43
C VAL B 263 -19.92 3.78 2.25
N THR B 264 -18.72 4.30 2.54
CA THR B 264 -17.86 4.99 1.56
C THR B 264 -17.14 4.04 0.59
N LYS B 265 -17.03 2.77 0.95
CA LYS B 265 -16.54 1.70 0.07
C LYS B 265 -17.71 0.70 -0.13
N PRO B 266 -18.16 0.49 -1.39
CA PRO B 266 -19.27 -0.44 -1.69
C PRO B 266 -19.20 -1.85 -1.05
N LEU B 267 -20.17 -2.17 -0.20
CA LEU B 267 -20.26 -3.49 0.43
C LEU B 267 -20.56 -4.57 -0.65
N ARG B 268 -21.41 -4.24 -1.61
CA ARG B 268 -21.75 -5.17 -2.71
C ARG B 268 -21.48 -4.52 -4.07
N PRO B 269 -20.25 -4.65 -4.59
CA PRO B 269 -19.91 -3.84 -5.75
C PRO B 269 -20.82 -4.22 -6.91
N VAL B 270 -21.21 -3.21 -7.68
CA VAL B 270 -22.16 -3.36 -8.75
C VAL B 270 -21.54 -4.16 -9.91
N GLU B 271 -20.21 -4.18 -9.99
CA GLU B 271 -19.47 -4.85 -11.08
C GLU B 271 -19.72 -6.36 -11.10
N ASP B 272 -20.14 -6.91 -9.96
CA ASP B 272 -20.53 -8.33 -9.80
C ASP B 272 -21.97 -8.68 -10.22
N MET B 273 -22.83 -7.65 -10.34
CA MET B 273 -24.27 -7.82 -10.58
C MET B 273 -24.52 -7.65 -12.08
N PRO B 274 -25.49 -8.41 -12.66
CA PRO B 274 -25.55 -8.49 -14.15
C PRO B 274 -25.90 -7.19 -14.88
N PHE B 275 -26.46 -6.20 -14.18
CA PHE B 275 -26.89 -4.96 -14.80
C PHE B 275 -25.87 -3.79 -14.74
N ALA B 276 -24.67 -4.00 -14.15
CA ALA B 276 -23.65 -2.91 -14.00
C ALA B 276 -23.44 -2.08 -15.26
N LYS B 277 -23.17 -2.78 -16.36
CA LYS B 277 -22.91 -2.20 -17.66
C LYS B 277 -24.05 -1.42 -18.32
N ASP B 278 -25.28 -1.55 -17.79
CA ASP B 278 -26.42 -0.71 -18.18
C ASP B 278 -26.43 0.69 -17.53
N LEU B 279 -25.60 0.92 -16.50
CA LEU B 279 -25.61 2.22 -15.81
C LEU B 279 -24.77 3.21 -16.58
N LYS B 280 -25.22 4.46 -16.60
CA LYS B 280 -24.54 5.51 -17.34
C LYS B 280 -23.67 6.43 -16.43
N TYR B 281 -23.92 6.41 -15.12
CA TYR B 281 -23.15 7.23 -14.17
C TYR B 281 -22.39 6.39 -13.15
N TYR B 282 -23.16 5.68 -12.32
CA TYR B 282 -22.66 4.98 -11.15
C TYR B 282 -21.79 3.79 -11.48
N ASP B 283 -20.70 3.66 -10.72
CA ASP B 283 -19.93 2.43 -10.53
C ASP B 283 -19.17 2.55 -9.22
N SER B 284 -18.29 1.59 -8.94
CA SER B 284 -17.62 1.56 -7.63
C SER B 284 -16.66 2.73 -7.42
N GLU B 285 -15.99 3.13 -8.49
CA GLU B 285 -15.06 4.26 -8.43
C GLU B 285 -15.81 5.56 -8.16
N MET B 286 -16.96 5.72 -8.81
CA MET B 286 -17.80 6.87 -8.57
C MET B 286 -18.33 6.88 -7.14
N HIS B 287 -18.72 5.69 -6.64
CA HIS B 287 -19.20 5.52 -5.29
C HIS B 287 -18.16 6.05 -4.31
N LYS B 288 -16.93 5.56 -4.43
CA LYS B 288 -15.83 5.95 -3.55
C LYS B 288 -15.50 7.41 -3.70
N ALA B 289 -15.44 7.88 -4.96
CA ALA B 289 -15.10 9.27 -5.22
C ALA B 289 -16.09 10.27 -4.57
N SER B 290 -17.36 9.86 -4.43
CA SER B 290 -18.46 10.76 -4.12
C SER B 290 -18.38 11.28 -2.71
N PHE B 291 -17.69 10.51 -1.85
CA PHE B 291 -17.48 10.85 -0.44
C PHE B 291 -16.22 11.69 -0.16
N ALA B 292 -15.47 12.02 -1.20
CA ALA B 292 -14.31 12.94 -1.08
C ALA B 292 -14.85 14.34 -1.28
N LEU B 293 -14.81 15.17 -0.22
CA LEU B 293 -15.38 16.48 -0.35
C LEU B 293 -14.30 17.60 -0.41
N PRO B 294 -14.63 18.73 -1.05
CA PRO B 294 -13.78 19.90 -0.98
C PRO B 294 -13.37 20.20 0.44
N ARG B 295 -12.13 20.64 0.59
CA ARG B 295 -11.57 20.87 1.91
C ARG B 295 -12.46 21.69 2.81
N PHE B 296 -13.03 22.78 2.31
CA PHE B 296 -13.97 23.58 3.12
C PHE B 296 -15.13 22.76 3.77
N ALA B 297 -15.49 21.62 3.16
CA ALA B 297 -16.67 20.79 3.54
C ALA B 297 -16.31 19.45 4.19
N ARG B 298 -15.04 19.08 4.18
CA ARG B 298 -14.62 17.70 4.49
C ARG B 298 -14.96 17.28 5.92
N HIS B 299 -15.09 18.26 6.82
CA HIS B 299 -15.38 17.99 8.23
C HIS B 299 -16.71 17.26 8.37
N ILE B 300 -17.66 17.54 7.46
CA ILE B 300 -18.89 16.71 7.31
C ILE B 300 -18.61 15.20 7.33
N ASN B 301 -17.61 14.72 6.60
CA ASN B 301 -17.31 13.28 6.52
C ASN B 301 -16.16 12.77 7.36
N ASN B 302 -15.31 13.70 7.84
CA ASN B 302 -13.95 13.43 8.39
C ASN B 302 -13.03 12.72 7.39
N GLY C 18 -1.78 -38.07 7.26
CA GLY C 18 -1.36 -37.64 8.62
C GLY C 18 -0.22 -36.63 8.60
N TRP C 19 -0.07 -35.93 9.72
CA TRP C 19 0.87 -34.83 9.85
C TRP C 19 1.51 -34.79 11.22
N PHE C 20 2.81 -34.58 11.26
CA PHE C 20 3.49 -34.30 12.51
C PHE C 20 3.49 -32.80 12.71
N ARG C 21 3.16 -32.39 13.93
CA ARG C 21 3.08 -30.98 14.28
C ARG C 21 3.99 -30.63 15.46
N GLU C 22 4.84 -29.64 15.24
CA GLU C 22 5.78 -29.19 16.25
C GLU C 22 5.42 -27.79 16.74
N GLU C 23 5.29 -27.67 18.05
CA GLU C 23 4.97 -26.42 18.72
C GLU C 23 5.86 -26.33 19.94
N ASN C 24 5.85 -25.18 20.62
CA ASN C 24 6.21 -25.09 22.06
C ASN C 24 5.67 -23.80 22.70
N ASP C 25 5.41 -23.86 24.00
CA ASP C 25 4.65 -22.80 24.71
C ASP C 25 5.32 -21.43 24.85
N GLN C 26 6.63 -21.36 24.59
CA GLN C 26 7.36 -20.09 24.50
C GLN C 26 6.97 -19.23 23.29
N TRP C 27 6.66 -19.90 22.17
CA TRP C 27 6.07 -19.26 20.99
C TRP C 27 4.63 -19.74 20.71
N PRO C 28 3.63 -19.23 21.48
CA PRO C 28 2.28 -19.73 21.27
C PRO C 28 1.59 -19.16 20.03
N GLY C 29 0.73 -19.99 19.42
CA GLY C 29 -0.05 -19.58 18.28
C GLY C 29 0.73 -19.70 16.99
N GLN C 30 1.71 -20.60 16.98
CA GLN C 30 2.44 -20.98 15.77
C GLN C 30 2.85 -22.44 15.80
N ALA C 31 2.99 -23.02 14.61
CA ALA C 31 3.26 -24.43 14.49
C ALA C 31 3.80 -24.80 13.12
N MET C 32 4.77 -25.70 13.11
CA MET C 32 5.28 -26.26 11.87
C MET C 32 4.77 -27.69 11.73
N SER C 33 4.34 -28.03 10.53
CA SER C 33 3.81 -29.33 10.29
C SER C 33 4.54 -30.00 9.14
N LEU C 34 4.77 -31.30 9.29
CA LEU C 34 5.32 -32.16 8.25
C LEU C 34 4.36 -33.28 7.95
N ARG C 35 4.19 -33.58 6.65
CA ARG C 35 3.39 -34.72 6.23
C ARG C 35 4.12 -36.00 6.53
N VAL C 36 3.34 -36.97 7.01
CA VAL C 36 3.88 -38.26 7.45
C VAL C 36 3.55 -39.31 6.39
N GLU C 37 4.57 -39.76 5.68
CA GLU C 37 4.47 -40.82 4.66
C GLU C 37 4.23 -42.19 5.31
N LYS C 38 4.91 -42.45 6.42
CA LYS C 38 5.01 -43.80 7.00
C LYS C 38 5.55 -43.67 8.42
N VAL C 39 4.76 -44.10 9.42
CA VAL C 39 5.18 -44.09 10.82
C VAL C 39 6.14 -45.24 11.04
N LEU C 40 7.39 -44.92 11.37
CA LEU C 40 8.41 -45.96 11.57
C LEU C 40 8.53 -46.42 13.01
N TYR C 41 8.36 -45.51 13.96
CA TYR C 41 8.46 -45.85 15.39
C TYR C 41 7.72 -44.76 16.12
N ASP C 42 6.89 -45.14 17.11
CA ASP C 42 6.15 -44.17 17.91
C ASP C 42 5.76 -44.66 19.32
N ALA C 43 6.77 -44.80 20.18
CA ALA C 43 6.56 -45.41 21.47
C ALA C 43 7.21 -44.53 22.51
N PRO C 44 6.66 -44.52 23.74
CA PRO C 44 7.48 -44.00 24.82
C PRO C 44 8.61 -44.99 25.04
N THR C 45 9.60 -44.53 25.79
CA THR C 45 10.81 -45.24 25.97
C THR C 45 10.95 -45.11 27.48
N LYS C 46 11.98 -45.76 28.04
CA LYS C 46 12.34 -45.66 29.45
C LYS C 46 12.45 -44.22 29.97
N PHE C 47 12.81 -43.27 29.10
CA PHE C 47 13.09 -41.88 29.50
C PHE C 47 12.26 -40.80 28.83
N GLN C 48 11.76 -41.04 27.63
CA GLN C 48 11.14 -39.99 26.78
C GLN C 48 10.29 -40.60 25.68
N HIS C 49 9.51 -39.76 24.99
CA HIS C 49 8.77 -40.24 23.81
C HIS C 49 9.65 -40.22 22.56
N LEU C 50 9.59 -41.31 21.80
CA LEU C 50 10.37 -41.42 20.57
C LEU C 50 9.46 -41.63 19.37
N THR C 51 9.68 -40.75 18.39
CA THR C 51 8.90 -40.71 17.18
C THR C 51 9.84 -40.69 15.99
N ILE C 52 9.70 -41.69 15.12
CA ILE C 52 10.45 -41.70 13.87
C ILE C 52 9.48 -41.89 12.72
N PHE C 53 9.53 -41.01 11.74
CA PHE C 53 8.70 -41.21 10.53
C PHE C 53 9.42 -40.91 9.24
N GLU C 54 8.93 -41.54 8.16
CA GLU C 54 9.29 -41.09 6.83
C GLU C 54 8.41 -39.91 6.49
N SER C 55 9.06 -38.83 6.09
CA SER C 55 8.36 -37.63 5.64
C SER C 55 8.04 -37.78 4.16
N ASP C 56 7.44 -36.73 3.61
CA ASP C 56 6.95 -36.72 2.24
C ASP C 56 8.11 -36.85 1.22
N PRO C 57 8.14 -37.97 0.44
CA PRO C 57 9.23 -38.24 -0.52
C PRO C 57 9.37 -37.20 -1.62
N LYS C 58 8.41 -36.27 -1.70
CA LYS C 58 8.49 -35.13 -2.60
C LYS C 58 9.16 -33.92 -1.91
N GLY C 59 9.14 -33.90 -0.57
CA GLY C 59 9.89 -32.91 0.25
C GLY C 59 11.37 -33.27 0.41
N PRO C 60 12.20 -32.40 1.04
CA PRO C 60 13.63 -32.74 1.17
C PRO C 60 14.01 -33.51 2.45
N TRP C 61 13.09 -33.63 3.41
CA TRP C 61 13.44 -33.98 4.79
C TRP C 61 13.89 -35.42 5.04
N GLY C 62 13.23 -36.35 4.36
CA GLY C 62 13.52 -37.77 4.54
C GLY C 62 13.03 -38.29 5.89
N THR C 63 13.87 -39.07 6.54
CA THR C 63 13.47 -39.66 7.80
C THR C 63 13.73 -38.61 8.87
N VAL C 64 12.83 -38.52 9.81
CA VAL C 64 12.78 -37.46 10.78
C VAL C 64 12.61 -38.19 12.10
N MET C 65 13.41 -37.78 13.08
CA MET C 65 13.29 -38.28 14.45
C MET C 65 12.90 -37.17 15.43
N ALA C 66 11.95 -37.43 16.31
CA ALA C 66 11.54 -36.49 17.35
C ALA C 66 11.63 -37.10 18.73
N LEU C 67 11.82 -36.24 19.73
CA LEU C 67 11.86 -36.68 21.12
C LEU C 67 11.06 -35.68 21.95
N ASP C 68 10.00 -36.19 22.57
CA ASP C 68 8.97 -35.43 23.27
C ASP C 68 8.33 -34.32 22.43
N GLY C 69 7.96 -34.65 21.21
CA GLY C 69 7.32 -33.69 20.31
C GLY C 69 8.26 -32.73 19.57
N CYS C 70 9.56 -32.84 19.83
CA CYS C 70 10.60 -31.95 19.28
C CYS C 70 11.53 -32.72 18.32
N ILE C 71 11.58 -32.26 17.08
CA ILE C 71 12.44 -32.86 16.05
C ILE C 71 13.92 -32.65 16.39
N GLN C 72 14.69 -33.74 16.34
CA GLN C 72 16.09 -33.73 16.75
C GLN C 72 17.03 -33.95 15.57
N VAL C 73 16.59 -34.81 14.63
CA VAL C 73 17.40 -35.22 13.46
C VAL C 73 16.46 -35.40 12.30
N THR C 74 16.89 -34.90 11.13
CA THR C 74 16.33 -35.25 9.83
C THR C 74 17.51 -35.67 8.97
N ASP C 75 17.29 -36.55 7.98
CA ASP C 75 18.33 -36.88 7.00
C ASP C 75 18.88 -35.64 6.31
N TYR C 76 18.01 -34.66 6.06
CA TYR C 76 18.35 -33.53 5.22
C TYR C 76 19.29 -32.56 5.91
N ASP C 77 19.10 -32.30 7.20
CA ASP C 77 19.81 -31.18 7.84
C ASP C 77 20.79 -31.60 8.95
N GLU C 78 20.94 -32.91 9.15
CA GLU C 78 21.74 -33.44 10.26
C GLU C 78 23.19 -32.99 10.18
N PHE C 79 23.74 -32.94 8.96
CA PHE C 79 25.12 -32.49 8.71
C PHE C 79 25.44 -31.13 9.37
N VAL C 80 24.44 -30.24 9.40
CA VAL C 80 24.64 -28.89 9.96
C VAL C 80 25.09 -28.95 11.41
N TYR C 81 24.21 -29.37 12.31
CA TYR C 81 24.51 -29.35 13.76
C TYR C 81 25.60 -30.32 14.11
N HIS C 82 25.74 -31.41 13.34
CA HIS C 82 26.76 -32.39 13.65
C HIS C 82 28.15 -31.90 13.35
N GLU C 83 28.34 -31.36 12.13
CA GLU C 83 29.63 -30.78 11.74
C GLU C 83 29.94 -29.59 12.67
N VAL C 84 28.93 -28.78 12.94
CA VAL C 84 29.16 -27.59 13.78
C VAL C 84 29.62 -27.97 15.19
N LEU C 85 28.82 -28.79 15.89
CA LEU C 85 29.22 -29.36 17.16
C LEU C 85 30.62 -30.02 17.18
N GLY C 86 30.85 -30.96 16.26
CA GLY C 86 32.08 -31.74 16.25
C GLY C 86 33.30 -30.92 15.87
N HIS C 87 33.18 -30.01 14.90
CA HIS C 87 34.39 -29.36 14.34
C HIS C 87 34.70 -28.03 15.00
N THR C 88 33.67 -27.22 15.23
CA THR C 88 33.89 -25.98 16.00
C THR C 88 34.69 -26.26 17.28
N SER C 89 34.34 -27.33 18.00
CA SER C 89 35.05 -27.79 19.19
C SER C 89 36.43 -28.43 18.93
N LEU C 90 36.55 -29.40 18.01
CA LEU C 90 37.86 -30.06 17.80
C LEU C 90 38.90 -29.17 17.11
N CYS C 91 38.46 -28.26 16.24
CA CYS C 91 39.41 -27.26 15.67
C CYS C 91 39.72 -26.11 16.66
N SER C 92 39.03 -26.11 17.81
CA SER C 92 39.41 -25.19 18.90
C SER C 92 40.45 -25.74 19.88
N HIS C 93 40.82 -27.00 19.70
CA HIS C 93 41.78 -27.69 20.57
C HIS C 93 43.13 -27.97 19.86
N PRO C 94 44.27 -27.80 20.57
CA PRO C 94 45.61 -28.02 19.91
C PRO C 94 45.88 -29.46 19.49
N LYS C 95 45.35 -30.42 20.25
CA LYS C 95 45.46 -31.82 19.89
C LYS C 95 44.43 -32.63 20.65
N PRO C 96 43.20 -32.76 20.10
CA PRO C 96 42.15 -33.50 20.79
C PRO C 96 42.30 -35.04 20.66
N GLU C 97 42.77 -35.69 21.73
CA GLU C 97 43.06 -37.13 21.70
C GLU C 97 41.98 -37.99 22.34
N ARG C 98 41.39 -37.47 23.41
CA ARG C 98 40.34 -38.12 24.16
C ARG C 98 39.11 -37.19 24.26
N VAL C 99 38.00 -37.69 23.74
CA VAL C 99 36.75 -36.92 23.53
C VAL C 99 35.61 -37.63 24.25
N LEU C 100 34.86 -36.89 25.09
CA LEU C 100 33.55 -37.38 25.58
C LEU C 100 32.34 -36.67 24.88
N ILE C 101 31.35 -37.48 24.51
CA ILE C 101 30.06 -37.04 23.98
C ILE C 101 29.04 -37.55 25.00
N ILE C 102 28.28 -36.60 25.57
CA ILE C 102 27.16 -36.86 26.44
C ILE C 102 25.92 -36.66 25.60
N GLY C 103 25.05 -37.66 25.62
CA GLY C 103 23.94 -37.72 24.70
C GLY C 103 24.44 -38.28 23.38
N GLY C 104 23.90 -37.77 22.27
CA GLY C 104 24.41 -38.11 20.93
C GLY C 104 24.27 -39.55 20.50
N GLY C 105 23.21 -40.22 20.99
CA GLY C 105 22.98 -41.62 20.68
C GLY C 105 22.67 -41.94 19.22
N ASP C 106 22.38 -40.91 18.42
CA ASP C 106 22.18 -41.09 16.97
C ASP C 106 23.49 -41.35 16.21
N GLY C 107 24.61 -40.98 16.82
CA GLY C 107 25.93 -41.18 16.22
C GLY C 107 26.47 -40.03 15.35
N GLY C 108 25.71 -38.95 15.21
CA GLY C 108 26.06 -37.85 14.27
C GLY C 108 27.34 -37.14 14.65
N VAL C 109 27.38 -36.62 15.89
CA VAL C 109 28.55 -35.92 16.43
C VAL C 109 29.76 -36.86 16.50
N LEU C 110 29.54 -38.10 16.91
CA LEU C 110 30.62 -39.11 16.93
C LEU C 110 31.24 -39.32 15.52
N ARG C 111 30.39 -39.38 14.49
CA ARG C 111 30.83 -39.50 13.10
C ARG C 111 31.76 -38.34 12.70
N GLU C 112 31.38 -37.12 13.07
CA GLU C 112 32.23 -35.94 12.79
C GLU C 112 33.55 -35.94 13.58
N VAL C 113 33.47 -36.29 14.85
CA VAL C 113 34.64 -36.40 15.75
C VAL C 113 35.66 -37.43 15.20
N LEU C 114 35.16 -38.55 14.74
CA LEU C 114 36.06 -39.61 14.25
C LEU C 114 36.77 -39.30 12.96
N ARG C 115 36.32 -38.25 12.26
CA ARG C 115 37.06 -37.75 11.10
C ARG C 115 38.48 -37.29 11.46
N HIS C 116 38.62 -36.68 12.67
CA HIS C 116 39.86 -36.14 13.16
C HIS C 116 40.89 -37.23 13.45
N GLY C 117 42.09 -37.00 12.93
CA GLY C 117 43.19 -37.95 13.01
C GLY C 117 43.83 -38.00 14.38
N THR C 118 43.69 -36.91 15.13
CA THR C 118 44.25 -36.79 16.50
C THR C 118 43.47 -37.59 17.55
N VAL C 119 42.24 -37.99 17.23
CA VAL C 119 41.36 -38.71 18.17
C VAL C 119 41.81 -40.15 18.35
N GLU C 120 42.30 -40.49 19.54
CA GLU C 120 42.71 -41.87 19.85
C GLU C 120 41.49 -42.68 20.30
N HIS C 121 40.59 -41.99 21.00
CA HIS C 121 39.46 -42.61 21.67
C HIS C 121 38.34 -41.60 21.97
N CYS C 122 37.11 -42.05 21.77
CA CYS C 122 35.93 -41.27 22.16
C CYS C 122 35.00 -42.14 22.98
N ASP C 123 34.62 -41.64 24.15
CA ASP C 123 33.49 -42.25 24.85
C ASP C 123 32.23 -41.48 24.52
N LEU C 124 31.13 -42.22 24.35
CA LEU C 124 29.82 -41.66 24.09
C LEU C 124 28.89 -42.29 25.09
N VAL C 125 28.18 -41.43 25.83
CA VAL C 125 27.26 -41.83 26.88
C VAL C 125 25.86 -41.21 26.64
N ASP C 126 24.93 -42.06 26.19
CA ASP C 126 23.53 -41.69 26.04
C ASP C 126 22.65 -42.50 26.99
N ILE C 127 21.73 -41.81 27.67
CA ILE C 127 20.85 -42.43 28.67
C ILE C 127 19.83 -43.39 28.05
N ASP C 128 19.55 -43.19 26.77
CA ASP C 128 18.46 -43.90 26.11
C ASP C 128 18.90 -44.92 25.04
N GLY C 129 18.97 -46.18 25.46
CA GLY C 129 19.35 -47.27 24.56
C GLY C 129 18.46 -47.46 23.37
N GLU C 130 17.16 -47.19 23.55
CA GLU C 130 16.23 -47.22 22.42
C GLU C 130 16.57 -46.23 21.28
N VAL C 131 17.04 -45.04 21.67
CA VAL C 131 17.47 -44.00 20.72
C VAL C 131 18.61 -44.53 19.83
N MET C 132 19.56 -45.25 20.42
CA MET C 132 20.70 -45.82 19.67
C MET C 132 20.27 -46.98 18.76
N GLU C 133 19.33 -47.78 19.24
CA GLU C 133 18.78 -48.91 18.49
C GLU C 133 18.05 -48.44 17.25
N GLN C 134 17.12 -47.53 17.46
CA GLN C 134 16.37 -46.95 16.37
C GLN C 134 17.20 -46.09 15.39
N SER C 135 18.31 -45.51 15.85
CA SER C 135 19.22 -44.84 14.92
C SER C 135 19.97 -45.86 14.06
N LYS C 136 20.38 -46.98 14.67
CA LYS C 136 20.97 -48.09 13.92
C LYS C 136 19.98 -48.65 12.87
N GLN C 137 18.71 -48.75 13.26
CA GLN C 137 17.66 -49.19 12.35
C GLN C 137 17.34 -48.16 11.26
N HIS C 138 17.17 -46.91 11.66
CA HIS C 138 16.60 -45.93 10.73
C HIS C 138 17.52 -44.86 10.14
N PHE C 139 18.68 -44.66 10.76
CA PHE C 139 19.63 -43.65 10.27
C PHE C 139 21.02 -44.27 10.17
N PRO C 140 21.23 -45.21 9.19
CA PRO C 140 22.53 -45.88 9.13
C PRO C 140 23.69 -45.00 8.71
N GLN C 141 23.44 -43.96 7.89
CA GLN C 141 24.49 -43.01 7.48
C GLN C 141 25.01 -42.22 8.68
N ILE C 142 24.18 -42.12 9.72
CA ILE C 142 24.48 -41.33 10.91
C ILE C 142 25.05 -42.21 12.02
N SER C 143 24.45 -43.39 12.19
CA SER C 143 24.74 -44.29 13.28
C SER C 143 25.85 -45.36 13.05
N ARG C 144 26.41 -45.43 11.84
CA ARG C 144 27.53 -46.33 11.51
C ARG C 144 28.74 -46.16 12.43
N SER C 145 29.05 -44.90 12.74
CA SER C 145 30.05 -44.45 13.76
C SER C 145 30.00 -45.18 15.11
N LEU C 146 28.80 -45.59 15.54
CA LEU C 146 28.65 -46.31 16.82
C LEU C 146 29.52 -47.57 16.96
N ALA C 147 29.85 -48.20 15.83
CA ALA C 147 30.54 -49.51 15.77
C ALA C 147 32.05 -49.41 15.58
N ASP C 148 32.54 -48.19 15.40
CA ASP C 148 33.96 -47.91 15.22
C ASP C 148 34.82 -48.27 16.45
N PRO C 149 35.95 -49.01 16.24
CA PRO C 149 36.88 -49.40 17.33
C PRO C 149 37.37 -48.25 18.21
N ARG C 150 37.46 -47.05 17.67
CA ARG C 150 37.97 -45.91 18.42
C ARG C 150 36.94 -45.33 19.40
N ALA C 151 35.70 -45.81 19.29
CA ALA C 151 34.58 -45.39 20.15
C ALA C 151 34.23 -46.49 21.16
N THR C 152 33.89 -46.07 22.39
CA THR C 152 33.19 -46.93 23.34
C THR C 152 31.82 -46.30 23.61
N VAL C 153 30.77 -47.06 23.28
CA VAL C 153 29.38 -46.60 23.33
C VAL C 153 28.67 -47.22 24.53
N ARG C 154 28.19 -46.37 25.43
CA ARG C 154 27.52 -46.80 26.64
C ARG C 154 26.12 -46.21 26.76
N VAL C 155 25.22 -47.03 27.32
CA VAL C 155 23.88 -46.64 27.73
C VAL C 155 24.01 -46.25 29.19
N GLY C 156 23.83 -44.97 29.50
CA GLY C 156 23.85 -44.49 30.89
C GLY C 156 23.60 -43.00 31.04
N ASP C 157 23.43 -42.57 32.28
CA ASP C 157 23.28 -41.16 32.63
C ASP C 157 24.65 -40.46 32.60
N GLY C 158 24.75 -39.41 31.78
CA GLY C 158 25.99 -38.65 31.68
C GLY C 158 26.35 -37.89 32.95
N LEU C 159 25.31 -37.52 33.70
CA LEU C 159 25.44 -36.89 35.02
C LEU C 159 26.21 -37.79 35.97
N ALA C 160 25.78 -39.05 36.09
CA ALA C 160 26.50 -39.97 36.98
C ALA C 160 27.86 -40.32 36.41
N PHE C 161 27.97 -40.36 35.07
CA PHE C 161 29.25 -40.68 34.40
C PHE C 161 30.37 -39.67 34.72
N VAL C 162 30.09 -38.40 34.52
CA VAL C 162 31.12 -37.35 34.76
C VAL C 162 31.51 -37.33 36.27
N ARG C 163 30.53 -37.63 37.13
CA ARG C 163 30.68 -37.71 38.58
C ARG C 163 31.71 -38.77 38.96
N GLN C 164 31.79 -39.82 38.15
CA GLN C 164 32.71 -40.91 38.45
C GLN C 164 33.91 -40.96 37.50
N THR C 165 34.20 -39.83 36.87
CA THR C 165 35.31 -39.73 35.91
C THR C 165 36.40 -38.91 36.60
N PRO C 166 37.66 -39.38 36.58
CA PRO C 166 38.73 -38.62 37.24
C PRO C 166 39.01 -37.24 36.58
N ASP C 167 39.59 -36.34 37.36
CA ASP C 167 40.17 -35.09 36.85
C ASP C 167 41.01 -35.36 35.60
N ASN C 168 40.99 -34.40 34.68
CA ASN C 168 41.98 -34.36 33.61
C ASN C 168 41.96 -35.59 32.71
N THR C 169 40.77 -36.03 32.33
CA THR C 169 40.65 -37.23 31.48
C THR C 169 40.52 -36.85 30.02
N TYR C 170 39.75 -35.79 29.78
CA TYR C 170 39.29 -35.43 28.44
C TYR C 170 39.86 -34.13 27.91
N ASP C 171 40.06 -34.10 26.60
CA ASP C 171 40.46 -32.90 25.85
C ASP C 171 39.24 -32.11 25.42
N VAL C 172 38.18 -32.82 25.07
CA VAL C 172 36.93 -32.19 24.62
C VAL C 172 35.75 -32.92 25.21
N VAL C 173 34.82 -32.17 25.78
CA VAL C 173 33.51 -32.70 26.09
C VAL C 173 32.43 -32.02 25.22
N ILE C 174 31.73 -32.83 24.42
CA ILE C 174 30.54 -32.38 23.67
C ILE C 174 29.24 -32.80 24.39
N ILE C 175 28.38 -31.82 24.65
CA ILE C 175 27.07 -32.10 25.24
C ILE C 175 26.03 -31.90 24.16
N ASP C 176 25.48 -33.03 23.70
CA ASP C 176 24.55 -33.09 22.59
C ASP C 176 23.17 -33.52 23.10
N THR C 177 22.57 -32.79 24.04
CA THR C 177 21.27 -33.23 24.64
C THR C 177 20.06 -32.33 24.29
N THR C 178 18.85 -32.89 24.52
CA THR C 178 17.52 -32.28 24.26
C THR C 178 17.34 -30.90 24.89
N ALA C 191 26.38 -28.73 39.50
CA ALA C 191 27.14 -29.95 39.75
C ALA C 191 27.67 -30.55 38.42
N PHE C 192 26.77 -30.90 37.51
CA PHE C 192 27.13 -31.44 36.19
C PHE C 192 28.22 -30.61 35.50
N TYR C 193 28.03 -29.30 35.40
CA TYR C 193 29.03 -28.44 34.75
C TYR C 193 30.37 -28.34 35.48
N LYS C 194 30.34 -28.32 36.83
CA LYS C 194 31.55 -28.35 37.66
C LYS C 194 32.34 -29.61 37.34
N ASP C 195 31.63 -30.73 37.27
CA ASP C 195 32.19 -32.01 36.85
C ASP C 195 32.81 -31.95 35.45
N VAL C 196 32.12 -31.32 34.50
CA VAL C 196 32.62 -31.23 33.11
C VAL C 196 33.97 -30.46 33.08
N LEU C 197 34.04 -29.36 33.84
CA LEU C 197 35.25 -28.56 33.96
C LEU C 197 36.38 -29.36 34.62
N ARG C 198 36.02 -30.09 35.67
CA ARG C 198 36.96 -30.89 36.43
C ARG C 198 37.59 -31.98 35.53
N ILE C 199 36.76 -32.65 34.73
CA ILE C 199 37.22 -33.77 33.89
C ILE C 199 38.00 -33.37 32.65
N LEU C 200 37.83 -32.11 32.22
CA LEU C 200 38.69 -31.55 31.17
C LEU C 200 40.13 -31.33 31.66
N LYS C 201 41.07 -31.79 30.84
CA LYS C 201 42.51 -31.40 30.90
C LYS C 201 42.68 -29.89 30.67
N PRO C 202 43.87 -29.29 30.97
CA PRO C 202 43.92 -27.80 31.07
C PRO C 202 43.53 -27.01 29.80
N ASP C 203 43.78 -27.62 28.64
CA ASP C 203 43.45 -27.06 27.32
C ASP C 203 42.03 -27.41 26.88
N GLY C 204 41.24 -28.01 27.77
CA GLY C 204 39.94 -28.55 27.44
C GLY C 204 38.93 -27.59 26.81
N ILE C 205 38.14 -28.15 25.89
CA ILE C 205 37.03 -27.47 25.30
C ILE C 205 35.74 -28.24 25.63
N CYS C 206 34.74 -27.53 26.15
CA CYS C 206 33.40 -28.04 26.23
C CYS C 206 32.53 -27.29 25.25
N CYS C 207 31.78 -28.06 24.46
CA CYS C 207 30.81 -27.49 23.59
C CYS C 207 29.44 -28.14 23.81
N ASN C 208 28.42 -27.31 23.83
CA ASN C 208 27.09 -27.81 24.05
C ASN C 208 26.13 -27.23 23.03
N GLN C 209 24.95 -27.82 22.96
CA GLN C 209 23.94 -27.37 22.06
C GLN C 209 23.18 -26.26 22.78
N GLY C 210 23.29 -25.04 22.28
CA GLY C 210 22.65 -23.88 22.89
C GLY C 210 21.23 -23.70 22.38
N GLU C 211 20.51 -22.81 23.04
CA GLU C 211 19.15 -22.47 22.66
C GLU C 211 19.17 -21.40 21.53
N SER C 212 17.98 -20.99 21.06
CA SER C 212 17.84 -19.90 20.06
C SER C 212 18.08 -18.52 20.64
N ILE C 213 18.77 -17.67 19.86
CA ILE C 213 18.83 -16.23 20.18
C ILE C 213 17.45 -15.54 20.04
N TRP C 214 16.56 -16.14 19.24
CA TRP C 214 15.19 -15.61 19.07
C TRP C 214 14.26 -16.12 20.17
N LEU C 215 14.25 -17.44 20.39
CA LEU C 215 13.28 -18.14 21.26
C LEU C 215 13.43 -17.79 22.76
N ASP C 216 14.66 -17.86 23.29
CA ASP C 216 14.97 -17.20 24.57
C ASP C 216 16.44 -16.91 24.76
N LEU C 217 16.75 -15.68 24.39
CA LEU C 217 18.06 -15.10 24.48
C LEU C 217 18.52 -15.00 25.94
N GLU C 218 17.57 -14.87 26.85
CA GLU C 218 17.85 -14.68 28.28
C GLU C 218 18.44 -15.95 28.87
N LEU C 219 17.99 -17.11 28.37
CA LEU C 219 18.52 -18.41 28.78
C LEU C 219 19.98 -18.57 28.36
N ILE C 220 20.34 -18.04 27.21
CA ILE C 220 21.71 -18.11 26.69
C ILE C 220 22.63 -17.28 27.56
N GLU C 221 22.20 -16.05 27.87
CA GLU C 221 22.98 -15.11 28.70
C GLU C 221 23.28 -15.74 30.08
N LYS C 222 22.22 -16.28 30.68
CA LYS C 222 22.17 -17.01 31.95
C LYS C 222 23.12 -18.21 31.93
N MET C 223 23.06 -19.04 30.88
CA MET C 223 23.90 -20.22 30.72
C MET C 223 25.35 -19.86 30.57
N SER C 224 25.63 -18.81 29.79
CA SER C 224 26.98 -18.33 29.56
C SER C 224 27.62 -17.85 30.86
N ARG C 225 26.83 -17.09 31.63
CA ARG C 225 27.23 -16.58 32.94
C ARG C 225 27.46 -17.73 33.93
N PHE C 226 26.47 -18.60 34.09
CA PHE C 226 26.63 -19.81 34.91
C PHE C 226 27.96 -20.56 34.57
N ILE C 227 28.13 -20.98 33.31
CA ILE C 227 29.36 -21.68 32.86
C ILE C 227 30.66 -20.89 33.07
N ARG C 228 30.64 -19.61 32.81
CA ARG C 228 31.85 -18.86 33.07
C ARG C 228 32.10 -18.87 34.63
N GLU C 229 31.02 -18.77 35.40
CA GLU C 229 31.12 -18.69 36.88
C GLU C 229 31.53 -20.02 37.50
N THR C 230 31.19 -21.16 36.88
CA THR C 230 31.67 -22.44 37.41
C THR C 230 33.18 -22.54 37.22
N GLY C 231 33.77 -21.64 36.43
CA GLY C 231 35.22 -21.60 36.31
C GLY C 231 35.82 -21.72 34.91
N PHE C 232 34.99 -21.94 33.89
CA PHE C 232 35.49 -21.89 32.50
C PHE C 232 35.99 -20.48 32.21
N ALA C 233 37.13 -20.36 31.53
CA ALA C 233 37.75 -19.05 31.29
C ALA C 233 36.96 -18.20 30.29
N SER C 234 36.47 -18.82 29.21
CA SER C 234 35.67 -18.13 28.21
C SER C 234 34.52 -19.01 27.73
N VAL C 235 33.44 -18.33 27.32
CA VAL C 235 32.26 -18.95 26.71
C VAL C 235 31.86 -18.06 25.52
N GLN C 236 31.68 -18.65 24.34
CA GLN C 236 31.30 -17.93 23.15
C GLN C 236 30.18 -18.68 22.48
N TYR C 237 29.19 -17.94 21.96
CA TYR C 237 28.03 -18.53 21.32
C TYR C 237 28.21 -18.48 19.80
N ALA C 238 27.99 -19.63 19.17
CA ALA C 238 28.08 -19.75 17.71
C ALA C 238 26.67 -20.04 17.20
N LEU C 239 26.29 -19.33 16.14
CA LEU C 239 25.02 -19.53 15.45
C LEU C 239 25.17 -20.55 14.32
N MET C 240 24.07 -21.23 13.98
CA MET C 240 24.01 -22.14 12.81
C MET C 240 22.91 -21.70 11.83
N HIS C 241 23.10 -21.99 10.56
CA HIS C 241 22.06 -21.73 9.56
C HIS C 241 21.40 -23.05 9.18
N VAL C 242 20.30 -23.35 9.87
CA VAL C 242 19.50 -24.58 9.64
C VAL C 242 18.35 -24.23 8.66
N PRO C 243 18.03 -25.11 7.67
CA PRO C 243 17.03 -24.75 6.64
C PRO C 243 15.65 -24.38 7.16
N THR C 244 15.22 -24.96 8.27
CA THR C 244 14.17 -24.34 9.13
C THR C 244 14.37 -24.85 10.56
N TYR C 245 14.10 -23.96 11.51
CA TYR C 245 13.96 -24.36 12.89
C TYR C 245 12.82 -23.50 13.41
N PRO C 246 11.63 -24.14 13.62
CA PRO C 246 10.39 -23.41 13.90
C PRO C 246 10.44 -22.67 15.25
N CYS C 247 11.59 -22.82 15.92
CA CYS C 247 11.89 -22.23 17.22
C CYS C 247 13.06 -21.25 17.08
N GLY C 248 13.33 -20.80 15.85
CA GLY C 248 14.34 -19.77 15.59
C GLY C 248 15.65 -20.31 15.07
N SER C 249 16.71 -20.04 15.83
CA SER C 249 18.04 -20.58 15.54
C SER C 249 18.37 -21.74 16.48
N ILE C 250 19.25 -22.63 16.05
CA ILE C 250 19.98 -23.44 17.01
C ILE C 250 21.44 -22.97 17.05
N GLY C 251 21.97 -22.90 18.27
CA GLY C 251 23.33 -22.47 18.50
C GLY C 251 24.11 -23.44 19.33
N THR C 252 25.37 -23.11 19.55
CA THR C 252 26.23 -23.90 20.41
C THR C 252 27.11 -22.96 21.20
N LEU C 253 27.23 -23.25 22.50
CA LEU C 253 28.13 -22.50 23.37
C LEU C 253 29.47 -23.21 23.41
N VAL C 254 30.53 -22.48 23.08
CA VAL C 254 31.86 -23.09 23.01
C VAL C 254 32.74 -22.50 24.11
N CYS C 255 33.23 -23.39 24.96
CA CYS C 255 33.80 -23.00 26.26
C CYS C 255 35.20 -23.55 26.37
N SER C 256 36.05 -22.72 26.93
CA SER C 256 37.47 -23.00 27.06
C SER C 256 37.83 -22.99 28.53
N LYS C 257 38.50 -24.04 28.99
CA LYS C 257 38.97 -24.09 30.35
C LYS C 257 40.19 -23.16 30.48
N LYS C 258 41.06 -23.23 29.47
CA LYS C 258 42.26 -22.40 29.45
C LYS C 258 41.98 -20.92 29.19
N ALA C 259 42.59 -20.06 30.01
CA ALA C 259 42.59 -18.60 29.81
C ALA C 259 43.33 -18.18 28.54
N GLY C 260 42.87 -17.09 27.90
CA GLY C 260 43.59 -16.51 26.75
C GLY C 260 43.37 -17.24 25.43
N VAL C 261 42.40 -18.15 25.40
CA VAL C 261 42.04 -18.91 24.18
C VAL C 261 40.88 -18.18 23.47
N ASP C 262 41.02 -18.01 22.15
CA ASP C 262 40.00 -17.41 21.31
C ASP C 262 39.38 -18.51 20.42
N VAL C 263 38.28 -19.09 20.90
CA VAL C 263 37.60 -20.14 20.17
C VAL C 263 36.98 -19.62 18.86
N THR C 264 36.80 -18.29 18.75
CA THR C 264 36.07 -17.73 17.60
C THR C 264 36.89 -17.82 16.30
N LYS C 265 38.21 -17.93 16.43
CA LYS C 265 39.10 -18.17 15.31
C LYS C 265 39.70 -19.56 15.41
N PRO C 266 39.65 -20.36 14.30
CA PRO C 266 40.07 -21.76 14.44
C PRO C 266 41.54 -21.90 14.76
N LEU C 267 41.86 -22.79 15.70
CA LEU C 267 43.20 -22.99 16.14
C LEU C 267 43.91 -23.97 15.20
N ARG C 268 43.17 -25.00 14.82
CA ARG C 268 43.65 -25.98 13.87
C ARG C 268 42.68 -25.95 12.65
N PRO C 269 42.95 -25.11 11.66
CA PRO C 269 42.05 -24.98 10.50
C PRO C 269 41.80 -26.30 9.81
N VAL C 270 40.53 -26.57 9.53
CA VAL C 270 40.07 -27.83 8.95
C VAL C 270 40.65 -28.08 7.54
N GLU C 271 41.00 -26.98 6.86
CA GLU C 271 41.44 -26.98 5.48
C GLU C 271 42.82 -27.62 5.41
N ASP C 272 43.53 -27.72 6.55
CA ASP C 272 44.82 -28.44 6.62
C ASP C 272 44.66 -29.94 6.86
N MET C 273 43.43 -30.41 6.97
CA MET C 273 43.19 -31.77 7.40
C MET C 273 42.60 -32.44 6.19
N PRO C 274 42.78 -33.78 6.05
CA PRO C 274 42.51 -34.37 4.74
C PRO C 274 41.02 -34.59 4.44
N PHE C 275 40.15 -34.38 5.44
CA PHE C 275 38.71 -34.62 5.27
C PHE C 275 37.92 -33.35 4.99
N ALA C 276 38.62 -32.23 4.76
CA ALA C 276 37.98 -30.90 4.66
C ALA C 276 36.92 -30.83 3.59
N LYS C 277 37.18 -31.48 2.45
CA LYS C 277 36.27 -31.46 1.28
C LYS C 277 35.11 -32.42 1.47
N ASP C 278 35.19 -33.31 2.45
CA ASP C 278 34.05 -34.14 2.83
C ASP C 278 32.93 -33.39 3.57
N LEU C 279 33.21 -32.21 4.11
CA LEU C 279 32.18 -31.50 4.89
C LEU C 279 31.23 -30.71 4.00
N LYS C 280 29.95 -30.72 4.36
CA LYS C 280 28.95 -30.03 3.56
C LYS C 280 28.56 -28.65 4.12
N TYR C 281 28.99 -28.33 5.34
CA TYR C 281 28.60 -27.04 5.97
C TYR C 281 29.81 -26.30 6.50
N TYR C 282 30.54 -26.98 7.39
CA TYR C 282 31.62 -26.35 8.17
C TYR C 282 32.87 -26.14 7.34
N ASP C 283 33.43 -24.93 7.41
CA ASP C 283 34.85 -24.65 7.10
C ASP C 283 35.32 -23.52 8.03
N SER C 284 36.51 -22.95 7.79
CA SER C 284 37.06 -21.94 8.70
C SER C 284 36.31 -20.61 8.63
N GLU C 285 35.86 -20.25 7.42
CA GLU C 285 35.03 -19.06 7.19
C GLU C 285 33.70 -19.13 7.95
N MET C 286 32.98 -20.24 7.77
CA MET C 286 31.79 -20.54 8.59
C MET C 286 32.05 -20.51 10.08
N HIS C 287 33.22 -21.04 10.50
CA HIS C 287 33.65 -21.08 11.91
C HIS C 287 33.64 -19.64 12.44
N LYS C 288 34.41 -18.78 11.81
CA LYS C 288 34.55 -17.38 12.26
C LYS C 288 33.25 -16.65 12.17
N ALA C 289 32.50 -16.87 11.10
CA ALA C 289 31.23 -16.18 10.91
C ALA C 289 30.21 -16.50 11.99
N SER C 290 30.27 -17.72 12.56
CA SER C 290 29.18 -18.22 13.38
C SER C 290 29.12 -17.46 14.70
N PHE C 291 30.22 -16.78 15.02
CA PHE C 291 30.36 -16.04 16.26
C PHE C 291 29.98 -14.56 16.11
N ALA C 292 29.61 -14.17 14.89
CA ALA C 292 29.23 -12.82 14.63
C ALA C 292 27.71 -12.82 14.80
N LEU C 293 27.24 -12.13 15.84
CA LEU C 293 25.84 -12.24 16.21
C LEU C 293 25.11 -10.96 15.83
N PRO C 294 23.80 -11.05 15.60
CA PRO C 294 23.04 -9.82 15.34
C PRO C 294 23.17 -8.86 16.55
N ARG C 295 23.13 -7.55 16.28
CA ARG C 295 23.32 -6.53 17.31
C ARG C 295 22.49 -6.78 18.55
N PHE C 296 21.22 -7.13 18.42
CA PHE C 296 20.39 -7.40 19.60
C PHE C 296 20.95 -8.55 20.50
N ALA C 297 21.82 -9.40 19.96
CA ALA C 297 22.32 -10.58 20.67
C ALA C 297 23.82 -10.55 20.92
N ARG C 298 24.50 -9.55 20.38
CA ARG C 298 25.95 -9.45 20.44
C ARG C 298 26.52 -9.42 21.88
N HIS C 299 25.68 -9.08 22.86
CA HIS C 299 26.13 -8.92 24.25
C HIS C 299 26.45 -10.31 24.83
N ILE C 300 25.94 -11.36 24.17
CA ILE C 300 26.27 -12.74 24.50
C ILE C 300 27.76 -12.93 24.34
N ASN C 301 28.35 -12.30 23.33
CA ASN C 301 29.75 -12.61 23.04
C ASN C 301 30.74 -11.51 23.37
N ASN C 302 30.22 -10.35 23.81
CA ASN C 302 30.99 -9.08 23.96
C ASN C 302 31.52 -8.59 22.64
N GLU D 13 -12.68 -14.72 3.87
CA GLU D 13 -12.58 -16.19 4.07
C GLU D 13 -11.80 -16.54 5.34
N LEU D 14 -10.69 -15.86 5.56
CA LEU D 14 -9.92 -16.01 6.79
C LEU D 14 -10.75 -15.41 7.94
N ILE D 15 -10.90 -16.13 9.07
CA ILE D 15 -11.61 -15.55 10.23
C ILE D 15 -10.74 -15.52 11.46
N SER D 16 -11.09 -14.61 12.37
CA SER D 16 -10.45 -14.48 13.66
C SER D 16 -10.65 -15.77 14.48
N GLY D 17 -9.58 -16.22 15.13
CA GLY D 17 -9.56 -17.48 15.87
C GLY D 17 -9.18 -18.66 15.02
N GLY D 18 -9.32 -18.52 13.70
CA GLY D 18 -8.82 -19.51 12.74
C GLY D 18 -7.30 -19.41 12.58
N TRP D 19 -6.73 -20.28 11.75
CA TRP D 19 -5.29 -20.35 11.60
C TRP D 19 -4.91 -20.06 10.15
N PHE D 20 -3.96 -19.15 9.98
CA PHE D 20 -3.32 -18.90 8.68
C PHE D 20 -2.25 -19.96 8.43
N ARG D 21 -2.33 -20.57 7.25
CA ARG D 21 -1.43 -21.61 6.80
C ARG D 21 -0.63 -21.09 5.63
N GLU D 22 0.69 -21.19 5.77
CA GLU D 22 1.59 -20.91 4.68
C GLU D 22 2.16 -22.24 4.20
N GLU D 23 1.93 -22.50 2.92
CA GLU D 23 2.43 -23.67 2.25
C GLU D 23 3.02 -23.17 0.95
N ASN D 24 4.26 -23.55 0.70
CA ASN D 24 4.86 -23.23 -0.58
C ASN D 24 5.35 -24.47 -1.27
N ASP D 25 5.36 -24.41 -2.59
CA ASP D 25 5.97 -25.44 -3.39
C ASP D 25 7.49 -25.28 -3.35
N GLN D 26 8.18 -26.24 -3.97
CA GLN D 26 9.60 -26.54 -3.75
C GLN D 26 9.78 -27.33 -2.46
N TRP D 27 8.98 -26.98 -1.45
CA TRP D 27 8.95 -27.71 -0.19
C TRP D 27 7.56 -28.28 0.13
N PRO D 28 7.08 -29.27 -0.69
CA PRO D 28 5.81 -29.91 -0.31
C PRO D 28 5.92 -30.75 0.95
N GLY D 29 4.80 -30.96 1.61
CA GLY D 29 4.77 -31.80 2.79
C GLY D 29 5.02 -31.02 4.06
N GLN D 30 5.33 -29.74 3.93
CA GLN D 30 5.43 -28.89 5.11
C GLN D 30 4.52 -27.68 5.02
N ALA D 31 4.20 -27.13 6.19
CA ALA D 31 3.29 -26.03 6.32
C ALA D 31 3.69 -25.32 7.57
N MET D 32 3.65 -24.00 7.52
CA MET D 32 3.78 -23.19 8.71
C MET D 32 2.42 -22.54 8.94
N SER D 33 2.06 -22.46 10.22
CA SER D 33 0.77 -21.93 10.64
C SER D 33 0.87 -20.96 11.79
N LEU D 34 0.03 -19.92 11.73
CA LEU D 34 -0.12 -18.93 12.80
C LEU D 34 -1.58 -18.73 13.12
N ARG D 35 -1.89 -18.74 14.42
CA ARG D 35 -3.19 -18.27 14.95
C ARG D 35 -3.45 -16.78 14.63
N VAL D 36 -4.67 -16.53 14.16
CA VAL D 36 -5.15 -15.22 13.76
C VAL D 36 -6.02 -14.72 14.91
N GLU D 37 -5.51 -13.74 15.64
CA GLU D 37 -6.26 -13.08 16.70
C GLU D 37 -7.36 -12.16 16.14
N LYS D 38 -7.01 -11.32 15.16
CA LYS D 38 -7.95 -10.43 14.49
C LYS D 38 -7.55 -10.22 13.03
N VAL D 39 -8.49 -10.48 12.12
CA VAL D 39 -8.29 -10.17 10.71
C VAL D 39 -8.36 -8.64 10.50
N LEU D 40 -7.30 -8.07 9.93
CA LEU D 40 -7.26 -6.64 9.66
C LEU D 40 -7.59 -6.28 8.21
N TYR D 41 -7.17 -7.13 7.28
CA TYR D 41 -7.45 -6.89 5.88
C TYR D 41 -7.36 -8.22 5.22
N ASP D 42 -8.29 -8.46 4.30
CA ASP D 42 -8.36 -9.68 3.52
C ASP D 42 -9.20 -9.45 2.29
N ALA D 43 -8.54 -9.04 1.21
CA ALA D 43 -9.21 -8.62 0.00
C ALA D 43 -8.22 -8.65 -1.13
N PRO D 44 -8.62 -9.20 -2.29
CA PRO D 44 -7.76 -9.05 -3.47
C PRO D 44 -7.61 -7.58 -3.84
N THR D 45 -6.41 -7.21 -4.24
CA THR D 45 -6.13 -5.89 -4.77
C THR D 45 -6.15 -5.98 -6.31
N LYS D 46 -5.88 -4.85 -6.97
CA LYS D 46 -5.69 -4.81 -8.42
C LYS D 46 -4.68 -5.87 -8.94
N PHE D 47 -3.63 -6.16 -8.17
CA PHE D 47 -2.53 -7.02 -8.63
C PHE D 47 -2.33 -8.36 -7.93
N GLN D 48 -2.80 -8.47 -6.68
CA GLN D 48 -2.49 -9.62 -5.83
C GLN D 48 -3.43 -9.73 -4.61
N HIS D 49 -3.45 -10.89 -3.95
CA HIS D 49 -4.27 -11.03 -2.73
C HIS D 49 -3.50 -10.52 -1.52
N LEU D 50 -4.09 -9.58 -0.79
CA LEU D 50 -3.44 -8.99 0.35
C LEU D 50 -4.12 -9.38 1.66
N THR D 51 -3.34 -9.98 2.56
CA THR D 51 -3.85 -10.42 3.87
C THR D 51 -3.03 -9.80 4.99
N ILE D 52 -3.71 -9.07 5.86
CA ILE D 52 -3.07 -8.52 7.04
C ILE D 52 -3.83 -9.04 8.26
N PHE D 53 -3.10 -9.49 9.27
CA PHE D 53 -3.74 -9.87 10.55
C PHE D 53 -2.85 -9.64 11.77
N GLU D 54 -3.49 -9.43 12.91
CA GLU D 54 -2.81 -9.54 14.17
C GLU D 54 -2.71 -11.03 14.49
N SER D 55 -1.47 -11.48 14.70
CA SER D 55 -1.17 -12.81 15.19
C SER D 55 -1.41 -12.90 16.72
N ASP D 56 -1.13 -14.06 17.31
CA ASP D 56 -1.40 -14.29 18.73
C ASP D 56 -0.61 -13.32 19.62
N PRO D 57 -1.30 -12.51 20.48
CA PRO D 57 -0.62 -11.47 21.28
C PRO D 57 0.30 -12.00 22.36
N LYS D 58 0.17 -13.29 22.71
CA LYS D 58 1.14 -14.00 23.55
C LYS D 58 2.38 -14.48 22.78
N GLY D 59 2.28 -14.58 21.45
CA GLY D 59 3.42 -14.95 20.60
C GLY D 59 4.25 -13.72 20.21
N PRO D 60 5.35 -13.92 19.46
CA PRO D 60 6.18 -12.76 19.22
C PRO D 60 5.88 -11.92 17.96
N TRP D 61 5.01 -12.40 17.05
CA TRP D 61 4.98 -11.89 15.66
C TRP D 61 4.36 -10.50 15.39
N GLY D 62 3.44 -10.08 16.27
CA GLY D 62 2.67 -8.84 16.10
C GLY D 62 1.83 -8.94 14.85
N THR D 63 1.72 -7.82 14.12
CA THR D 63 0.96 -7.80 12.86
C THR D 63 1.72 -8.51 11.73
N VAL D 64 1.00 -9.31 10.96
CA VAL D 64 1.57 -10.08 9.86
C VAL D 64 0.93 -9.63 8.56
N MET D 65 1.78 -9.38 7.55
CA MET D 65 1.30 -9.18 6.18
C MET D 65 1.72 -10.28 5.20
N ALA D 66 0.73 -10.75 4.44
CA ALA D 66 0.92 -11.77 3.42
C ALA D 66 0.42 -11.26 2.09
N LEU D 67 1.06 -11.73 1.03
CA LEU D 67 0.64 -11.43 -0.33
C LEU D 67 0.56 -12.76 -1.07
N ASP D 68 -0.58 -13.00 -1.74
CA ASP D 68 -0.88 -14.29 -2.35
C ASP D 68 -0.57 -15.49 -1.42
N GLY D 69 -0.87 -15.35 -0.12
CA GLY D 69 -0.59 -16.44 0.84
C GLY D 69 0.87 -16.66 1.22
N CYS D 70 1.78 -15.80 0.75
CA CYS D 70 3.17 -15.81 1.24
C CYS D 70 3.42 -14.63 2.16
N ILE D 71 3.81 -14.90 3.39
CA ILE D 71 4.13 -13.85 4.39
C ILE D 71 5.30 -13.01 3.90
N GLN D 72 5.14 -11.70 3.98
CA GLN D 72 6.12 -10.73 3.49
C GLN D 72 6.77 -9.94 4.60
N VAL D 73 5.96 -9.55 5.59
CA VAL D 73 6.32 -8.63 6.67
C VAL D 73 5.64 -9.13 7.98
N THR D 74 6.39 -9.09 9.08
CA THR D 74 5.85 -9.22 10.45
C THR D 74 6.50 -8.11 11.28
N ASP D 75 5.81 -7.63 12.32
CA ASP D 75 6.38 -6.60 13.23
C ASP D 75 7.70 -7.08 13.83
N TYR D 76 7.79 -8.38 14.13
CA TYR D 76 8.92 -9.00 14.83
C TYR D 76 10.23 -9.05 14.01
N ASP D 77 10.19 -9.57 12.79
CA ASP D 77 11.40 -9.84 12.01
C ASP D 77 11.81 -8.83 10.91
N GLU D 78 10.95 -7.85 10.62
CA GLU D 78 11.13 -6.89 9.51
C GLU D 78 12.47 -6.18 9.51
N PHE D 79 12.98 -5.87 10.71
CA PHE D 79 14.28 -5.20 10.88
C PHE D 79 15.41 -6.01 10.19
N VAL D 80 15.32 -7.33 10.19
CA VAL D 80 16.40 -8.16 9.63
C VAL D 80 16.59 -7.90 8.14
N TYR D 81 15.58 -8.21 7.34
CA TYR D 81 15.70 -8.06 5.90
C TYR D 81 15.78 -6.59 5.44
N HIS D 82 15.20 -5.66 6.21
CA HIS D 82 15.24 -4.25 5.86
C HIS D 82 16.57 -3.59 6.20
N GLU D 83 17.16 -3.99 7.33
CA GLU D 83 18.52 -3.56 7.65
C GLU D 83 19.53 -4.22 6.73
N VAL D 84 19.42 -5.55 6.52
CA VAL D 84 20.30 -6.22 5.54
C VAL D 84 20.24 -5.56 4.15
N LEU D 85 19.06 -5.45 3.53
CA LEU D 85 18.94 -4.82 2.18
C LEU D 85 19.41 -3.35 2.13
N GLY D 86 18.99 -2.56 3.13
CA GLY D 86 19.34 -1.16 3.18
C GLY D 86 20.83 -0.92 3.33
N HIS D 87 21.45 -1.55 4.32
CA HIS D 87 22.80 -1.13 4.74
C HIS D 87 23.95 -1.86 4.07
N THR D 88 23.75 -3.13 3.72
CA THR D 88 24.82 -3.89 3.03
C THR D 88 25.15 -3.22 1.74
N SER D 89 24.13 -2.75 1.03
CA SER D 89 24.25 -2.06 -0.26
C SER D 89 24.84 -0.67 -0.09
N LEU D 90 24.21 0.18 0.73
CA LEU D 90 24.71 1.56 0.97
C LEU D 90 26.07 1.63 1.63
N CYS D 91 26.34 0.71 2.57
CA CYS D 91 27.69 0.60 3.14
C CYS D 91 28.78 0.09 2.19
N SER D 92 28.38 -0.54 1.08
CA SER D 92 29.29 -0.95 -0.01
C SER D 92 29.55 0.15 -1.05
N HIS D 93 28.86 1.28 -0.97
CA HIS D 93 28.99 2.40 -1.95
C HIS D 93 29.79 3.61 -1.41
N PRO D 94 30.67 4.23 -2.26
CA PRO D 94 31.52 5.38 -1.80
C PRO D 94 30.77 6.59 -1.26
N LYS D 95 29.62 6.90 -1.84
CA LYS D 95 28.85 8.09 -1.50
C LYS D 95 27.47 7.91 -2.11
N PRO D 96 26.57 7.14 -1.47
CA PRO D 96 25.29 6.86 -2.16
C PRO D 96 24.34 8.04 -2.10
N GLU D 97 24.24 8.77 -3.21
CA GLU D 97 23.46 10.02 -3.22
C GLU D 97 22.02 9.86 -3.69
N ARG D 98 21.84 9.18 -4.83
CA ARG D 98 20.52 8.89 -5.43
C ARG D 98 20.26 7.38 -5.44
N VAL D 99 19.15 6.98 -4.80
CA VAL D 99 18.80 5.56 -4.57
C VAL D 99 17.43 5.25 -5.21
N LEU D 100 17.37 4.17 -5.99
CA LEU D 100 16.11 3.58 -6.43
C LEU D 100 15.75 2.34 -5.59
N ILE D 101 14.52 2.28 -5.12
CA ILE D 101 13.97 1.08 -4.51
C ILE D 101 12.82 0.62 -5.39
N ILE D 102 12.89 -0.62 -5.84
CA ILE D 102 11.78 -1.22 -6.58
C ILE D 102 11.04 -2.22 -5.68
N GLY D 103 9.70 -2.15 -5.68
CA GLY D 103 8.87 -2.86 -4.69
C GLY D 103 9.01 -2.08 -3.38
N GLY D 104 9.01 -2.78 -2.24
CA GLY D 104 9.26 -2.11 -0.96
C GLY D 104 8.19 -1.14 -0.52
N GLY D 105 6.96 -1.38 -0.97
CA GLY D 105 5.78 -0.58 -0.63
C GLY D 105 5.43 -0.43 0.85
N ASP D 106 5.88 -1.39 1.70
CA ASP D 106 5.80 -1.26 3.17
C ASP D 106 6.60 -0.07 3.76
N GLY D 107 7.66 0.34 3.06
CA GLY D 107 8.53 1.44 3.49
C GLY D 107 9.78 1.05 4.28
N GLY D 108 9.97 -0.26 4.53
CA GLY D 108 10.99 -0.75 5.46
C GLY D 108 12.41 -0.48 5.03
N VAL D 109 12.76 -0.93 3.83
CA VAL D 109 14.05 -0.59 3.19
C VAL D 109 14.29 0.94 3.11
N LEU D 110 13.26 1.68 2.70
CA LEU D 110 13.31 3.14 2.60
C LEU D 110 13.68 3.77 3.94
N ARG D 111 13.06 3.33 5.04
CA ARG D 111 13.38 3.80 6.38
C ARG D 111 14.87 3.61 6.64
N GLU D 112 15.46 2.50 6.12
CA GLU D 112 16.86 2.17 6.40
C GLU D 112 17.81 2.97 5.52
N VAL D 113 17.48 3.08 4.23
CA VAL D 113 18.16 4.00 3.30
C VAL D 113 18.19 5.44 3.86
N LEU D 114 17.06 5.90 4.40
CA LEU D 114 16.94 7.28 4.93
C LEU D 114 17.80 7.59 6.16
N ARG D 115 18.22 6.57 6.90
CA ARG D 115 19.21 6.77 7.97
C ARG D 115 20.53 7.37 7.47
N HIS D 116 20.95 7.05 6.24
CA HIS D 116 22.24 7.51 5.71
C HIS D 116 22.18 8.99 5.29
N GLY D 117 23.07 9.79 5.91
CA GLY D 117 23.15 11.22 5.67
C GLY D 117 23.63 11.60 4.29
N THR D 118 24.28 10.66 3.60
CA THR D 118 24.78 10.82 2.23
C THR D 118 23.65 10.80 1.18
N VAL D 119 22.53 10.16 1.50
CA VAL D 119 21.41 10.02 0.57
C VAL D 119 20.75 11.37 0.36
N GLU D 120 20.80 11.87 -0.86
CA GLU D 120 20.16 13.16 -1.21
C GLU D 120 18.69 12.95 -1.64
N HIS D 121 18.46 11.90 -2.41
CA HIS D 121 17.12 11.50 -2.81
C HIS D 121 16.99 10.01 -3.00
N CYS D 122 15.82 9.48 -2.66
CA CYS D 122 15.53 8.10 -2.95
C CYS D 122 14.17 7.93 -3.66
N ASP D 123 14.17 7.34 -4.85
CA ASP D 123 12.91 7.05 -5.52
C ASP D 123 12.46 5.66 -5.11
N LEU D 124 11.16 5.53 -4.83
CA LEU D 124 10.56 4.22 -4.61
C LEU D 124 9.39 3.98 -5.56
N VAL D 125 9.41 2.81 -6.22
CA VAL D 125 8.36 2.36 -7.16
C VAL D 125 7.78 0.96 -6.76
N ASP D 126 6.51 0.94 -6.38
CA ASP D 126 5.77 -0.31 -6.09
C ASP D 126 4.51 -0.32 -6.96
N ILE D 127 4.22 -1.45 -7.57
CA ILE D 127 3.08 -1.61 -8.49
C ILE D 127 1.72 -1.44 -7.80
N ASP D 128 1.68 -1.66 -6.48
CA ASP D 128 0.43 -1.84 -5.75
C ASP D 128 0.29 -0.77 -4.66
N GLY D 129 -0.48 0.27 -5.00
CA GLY D 129 -0.86 1.35 -4.08
C GLY D 129 -1.61 0.88 -2.82
N GLU D 130 -2.34 -0.23 -2.93
CA GLU D 130 -3.06 -0.80 -1.78
C GLU D 130 -2.09 -1.29 -0.69
N VAL D 131 -1.03 -1.97 -1.10
CA VAL D 131 0.00 -2.43 -0.17
C VAL D 131 0.53 -1.24 0.65
N MET D 132 0.81 -0.12 -0.03
CA MET D 132 1.40 1.05 0.65
C MET D 132 0.40 1.74 1.58
N GLU D 133 -0.85 1.80 1.12
CA GLU D 133 -1.99 2.31 1.85
C GLU D 133 -2.21 1.50 3.13
N GLN D 134 -2.28 0.18 2.98
CA GLN D 134 -2.44 -0.71 4.14
C GLN D 134 -1.24 -0.71 5.10
N SER D 135 -0.04 -0.61 4.53
CA SER D 135 1.18 -0.40 5.32
C SER D 135 1.12 0.87 6.16
N LYS D 136 0.51 1.93 5.62
CA LYS D 136 0.39 3.19 6.37
C LYS D 136 -0.49 2.99 7.60
N GLN D 137 -1.61 2.32 7.41
CA GLN D 137 -2.59 2.09 8.47
C GLN D 137 -2.17 1.06 9.52
N HIS D 138 -1.55 -0.05 9.12
CA HIS D 138 -1.34 -1.18 10.04
C HIS D 138 0.09 -1.46 10.43
N PHE D 139 1.03 -0.72 9.83
CA PHE D 139 2.49 -0.81 10.10
C PHE D 139 3.14 0.57 10.15
N PRO D 140 2.63 1.50 11.02
CA PRO D 140 3.23 2.85 11.14
C PRO D 140 4.75 2.94 11.37
N GLN D 141 5.33 1.99 12.12
CA GLN D 141 6.80 1.95 12.37
C GLN D 141 7.65 1.69 11.11
N ILE D 142 7.06 1.06 10.12
CA ILE D 142 7.72 0.71 8.86
C ILE D 142 7.44 1.80 7.79
N SER D 143 6.19 2.26 7.72
CA SER D 143 5.69 3.11 6.63
C SER D 143 5.88 4.60 6.78
N ARG D 144 6.37 5.02 7.94
CA ARG D 144 6.58 6.43 8.27
C ARG D 144 7.44 7.10 7.19
N SER D 145 8.49 6.39 6.78
CA SER D 145 9.46 6.80 5.77
C SER D 145 8.87 7.31 4.48
N LEU D 146 7.71 6.75 4.09
CA LEU D 146 7.07 7.00 2.77
C LEU D 146 6.74 8.47 2.52
N ALA D 147 6.57 9.22 3.62
CA ALA D 147 6.23 10.63 3.60
C ALA D 147 7.44 11.56 3.83
N ASP D 148 8.67 11.00 3.79
CA ASP D 148 9.90 11.79 3.99
C ASP D 148 10.12 12.73 2.80
N PRO D 149 10.63 13.94 3.08
CA PRO D 149 10.96 14.88 2.00
C PRO D 149 12.03 14.36 1.03
N ARG D 150 12.89 13.44 1.47
CA ARG D 150 13.95 12.92 0.60
C ARG D 150 13.47 11.75 -0.29
N ALA D 151 12.20 11.36 -0.14
CA ALA D 151 11.65 10.25 -0.88
C ALA D 151 10.61 10.72 -1.89
N THR D 152 10.62 10.09 -3.06
CA THR D 152 9.54 10.22 -4.04
C THR D 152 8.95 8.86 -4.28
N VAL D 153 7.68 8.71 -3.89
CA VAL D 153 7.00 7.44 -3.88
C VAL D 153 6.09 7.38 -5.08
N ARG D 154 6.28 6.34 -5.89
CA ARG D 154 5.51 6.14 -7.12
C ARG D 154 4.75 4.82 -7.10
N VAL D 155 3.45 4.88 -7.40
CA VAL D 155 2.68 3.68 -7.70
C VAL D 155 2.88 3.43 -9.16
N GLY D 156 3.46 2.28 -9.50
CA GLY D 156 3.59 1.89 -10.89
C GLY D 156 4.48 0.68 -11.01
N ASP D 157 4.57 0.15 -12.22
CA ASP D 157 5.39 -1.02 -12.53
C ASP D 157 6.87 -0.61 -12.56
N GLY D 158 7.70 -1.38 -11.85
CA GLY D 158 9.14 -1.12 -11.75
C GLY D 158 9.91 -1.31 -13.07
N LEU D 159 9.48 -2.33 -13.81
CA LEU D 159 10.00 -2.64 -15.15
C LEU D 159 9.88 -1.40 -16.08
N ALA D 160 8.68 -0.82 -16.13
CA ALA D 160 8.40 0.39 -16.91
C ALA D 160 9.20 1.59 -16.43
N PHE D 161 9.33 1.75 -15.11
CA PHE D 161 10.06 2.87 -14.55
C PHE D 161 11.54 2.81 -14.94
N VAL D 162 12.21 1.68 -14.72
CA VAL D 162 13.64 1.56 -15.10
C VAL D 162 13.86 1.79 -16.61
N ARG D 163 12.97 1.22 -17.42
CA ARG D 163 13.06 1.29 -18.88
C ARG D 163 13.01 2.73 -19.38
N GLN D 164 12.32 3.63 -18.67
CA GLN D 164 12.32 5.04 -19.08
C GLN D 164 13.21 5.96 -18.27
N THR D 165 14.12 5.37 -17.51
CA THR D 165 15.08 6.12 -16.72
C THR D 165 16.33 6.32 -17.58
N PRO D 166 16.91 7.54 -17.57
CA PRO D 166 18.17 7.78 -18.28
C PRO D 166 19.35 6.99 -17.67
N ASP D 167 20.37 6.79 -18.50
CA ASP D 167 21.66 6.28 -18.06
C ASP D 167 22.20 7.06 -16.88
N ASN D 168 22.78 6.30 -15.96
CA ASN D 168 23.64 6.81 -14.90
C ASN D 168 22.87 7.74 -13.96
N THR D 169 21.67 7.29 -13.57
CA THR D 169 20.81 8.06 -12.67
C THR D 169 21.06 7.74 -11.19
N TYR D 170 21.24 6.46 -10.85
CA TYR D 170 21.29 6.01 -9.47
C TYR D 170 22.65 5.45 -9.08
N ASP D 171 23.02 5.70 -7.82
CA ASP D 171 24.19 5.09 -7.18
C ASP D 171 23.94 3.66 -6.68
N VAL D 172 22.71 3.42 -6.24
CA VAL D 172 22.24 2.15 -5.63
C VAL D 172 20.84 1.86 -6.15
N VAL D 173 20.65 0.65 -6.68
CA VAL D 173 19.29 0.12 -6.90
C VAL D 173 19.02 -1.08 -5.98
N ILE D 174 17.93 -1.00 -5.22
CA ILE D 174 17.51 -2.09 -4.35
C ILE D 174 16.18 -2.65 -4.84
N ILE D 175 16.18 -3.97 -4.96
CA ILE D 175 15.01 -4.65 -5.47
C ILE D 175 14.45 -5.47 -4.33
N ASP D 176 13.31 -5.01 -3.84
CA ASP D 176 12.63 -5.61 -2.71
C ASP D 176 11.27 -6.18 -3.13
N THR D 177 11.28 -7.15 -4.04
CA THR D 177 10.06 -7.83 -4.48
C THR D 177 10.19 -9.34 -4.20
N GLU D 190 17.09 -10.82 -19.95
CA GLU D 190 16.07 -9.94 -19.37
C GLU D 190 16.46 -8.50 -19.63
N ALA D 191 15.55 -7.80 -20.30
CA ALA D 191 15.69 -6.38 -20.52
C ALA D 191 15.65 -5.63 -19.19
N PHE D 192 15.13 -6.29 -18.14
CA PHE D 192 15.02 -5.66 -16.81
C PHE D 192 16.38 -5.37 -16.20
N TYR D 193 17.19 -6.41 -16.06
CA TYR D 193 18.50 -6.28 -15.41
C TYR D 193 19.49 -5.43 -16.22
N LYS D 194 19.38 -5.52 -17.54
CA LYS D 194 20.11 -4.67 -18.49
C LYS D 194 19.82 -3.21 -18.23
N ASP D 195 18.54 -2.90 -18.03
CA ASP D 195 18.13 -1.56 -17.64
C ASP D 195 18.72 -1.14 -16.30
N VAL D 196 18.74 -2.07 -15.33
CA VAL D 196 19.26 -1.78 -13.98
C VAL D 196 20.74 -1.42 -14.06
N LEU D 197 21.50 -2.20 -14.81
CA LEU D 197 22.90 -1.90 -15.06
C LEU D 197 23.06 -0.52 -15.76
N ARG D 198 22.30 -0.30 -16.83
CA ARG D 198 22.26 1.00 -17.53
C ARG D 198 21.97 2.23 -16.64
N ILE D 199 20.99 2.13 -15.74
CA ILE D 199 20.60 3.29 -14.93
C ILE D 199 21.55 3.55 -13.74
N LEU D 200 22.47 2.61 -13.51
CA LEU D 200 23.49 2.83 -12.48
C LEU D 200 24.65 3.71 -13.00
N LYS D 201 25.10 4.62 -12.14
CA LYS D 201 26.38 5.33 -12.33
C LYS D 201 27.54 4.31 -12.32
N PRO D 202 28.75 4.72 -12.80
CA PRO D 202 29.83 3.74 -12.93
C PRO D 202 30.21 3.02 -11.64
N ASP D 203 30.02 3.66 -10.48
CA ASP D 203 30.23 3.01 -9.17
C ASP D 203 28.98 2.30 -8.58
N GLY D 204 28.05 1.90 -9.43
CA GLY D 204 26.74 1.44 -8.98
C GLY D 204 26.72 0.15 -8.18
N ILE D 205 25.78 0.07 -7.23
CA ILE D 205 25.49 -1.17 -6.48
C ILE D 205 24.02 -1.55 -6.73
N CYS D 206 23.83 -2.79 -7.14
CA CYS D 206 22.49 -3.38 -7.16
C CYS D 206 22.43 -4.46 -6.07
N CYS D 207 21.43 -4.38 -5.19
CA CYS D 207 21.19 -5.51 -4.31
C CYS D 207 19.75 -5.95 -4.41
N ASN D 208 19.48 -7.22 -4.18
CA ASN D 208 18.10 -7.71 -4.32
C ASN D 208 17.76 -8.88 -3.40
N GLN D 209 16.50 -9.27 -3.41
CA GLN D 209 15.99 -10.42 -2.67
C GLN D 209 16.46 -11.65 -3.39
N GLY D 210 17.26 -12.44 -2.68
CA GLY D 210 17.78 -13.70 -3.22
C GLY D 210 16.90 -14.85 -2.80
N GLU D 211 16.96 -15.93 -3.57
CA GLU D 211 16.34 -17.20 -3.23
C GLU D 211 17.13 -17.85 -2.07
N SER D 212 16.52 -18.83 -1.40
CA SER D 212 17.21 -19.62 -0.37
C SER D 212 18.23 -20.59 -1.02
N ILE D 213 19.37 -20.73 -0.36
CA ILE D 213 20.40 -21.71 -0.71
C ILE D 213 19.93 -23.14 -0.44
N TRP D 214 18.85 -23.24 0.34
CA TRP D 214 18.20 -24.50 0.68
C TRP D 214 17.20 -24.93 -0.41
N LEU D 215 16.11 -24.17 -0.60
CA LEU D 215 15.07 -24.57 -1.57
C LEU D 215 15.51 -24.50 -3.03
N ASP D 216 16.21 -23.43 -3.41
CA ASP D 216 16.56 -23.17 -4.82
C ASP D 216 17.99 -22.71 -5.08
N LEU D 217 18.96 -23.56 -4.76
CA LEU D 217 20.37 -23.19 -4.97
C LEU D 217 20.67 -23.04 -6.47
N GLU D 218 19.99 -23.84 -7.29
CA GLU D 218 20.03 -23.71 -8.77
C GLU D 218 19.73 -22.27 -9.19
N LEU D 219 18.59 -21.75 -8.72
CA LEU D 219 18.17 -20.40 -9.11
C LEU D 219 19.19 -19.32 -8.73
N ILE D 220 19.89 -19.46 -7.61
CA ILE D 220 20.96 -18.51 -7.24
C ILE D 220 22.15 -18.62 -8.17
N GLU D 221 22.64 -19.85 -8.40
CA GLU D 221 23.70 -20.07 -9.40
C GLU D 221 23.37 -19.30 -10.70
N LYS D 222 22.18 -19.59 -11.23
CA LYS D 222 21.60 -18.99 -12.46
C LYS D 222 21.57 -17.46 -12.45
N MET D 223 20.93 -16.87 -11.42
CA MET D 223 20.83 -15.42 -11.22
C MET D 223 22.22 -14.82 -11.21
N SER D 224 23.10 -15.34 -10.34
CA SER D 224 24.48 -14.83 -10.26
C SER D 224 25.22 -14.79 -11.60
N ARG D 225 25.13 -15.89 -12.36
CA ARG D 225 25.72 -15.99 -13.71
C ARG D 225 25.05 -14.95 -14.62
N PHE D 226 23.71 -14.94 -14.64
CA PHE D 226 22.96 -13.93 -15.42
C PHE D 226 23.45 -12.50 -15.15
N ILE D 227 23.42 -12.09 -13.89
CA ILE D 227 23.82 -10.75 -13.46
C ILE D 227 25.24 -10.37 -13.92
N ARG D 228 26.21 -11.28 -13.80
CA ARG D 228 27.56 -11.04 -14.37
C ARG D 228 27.53 -10.87 -15.91
N GLU D 229 26.73 -11.72 -16.57
CA GLU D 229 26.64 -11.78 -18.05
C GLU D 229 25.95 -10.54 -18.63
N THR D 230 24.99 -9.99 -17.86
CA THR D 230 24.37 -8.69 -18.14
C THR D 230 25.47 -7.62 -18.23
N GLY D 231 26.54 -7.82 -17.46
CA GLY D 231 27.66 -6.88 -17.48
C GLY D 231 28.02 -6.31 -16.13
N PHE D 232 27.44 -6.83 -15.05
CA PHE D 232 27.92 -6.49 -13.70
C PHE D 232 29.26 -7.17 -13.50
N ALA D 233 30.17 -6.48 -12.82
CA ALA D 233 31.53 -6.95 -12.63
C ALA D 233 31.65 -8.03 -11.56
N SER D 234 31.04 -7.79 -10.39
CA SER D 234 30.97 -8.77 -9.28
C SER D 234 29.57 -8.91 -8.67
N VAL D 235 29.29 -10.10 -8.14
CA VAL D 235 28.00 -10.51 -7.57
C VAL D 235 28.38 -11.41 -6.37
N GLN D 236 27.86 -11.09 -5.18
CA GLN D 236 28.13 -11.87 -3.98
C GLN D 236 26.79 -12.11 -3.29
N TYR D 237 26.63 -13.27 -2.68
CA TYR D 237 25.39 -13.58 -1.95
C TYR D 237 25.56 -13.46 -0.43
N ALA D 238 24.65 -12.71 0.20
CA ALA D 238 24.64 -12.56 1.65
C ALA D 238 23.44 -13.33 2.19
N LEU D 239 23.73 -14.16 3.17
CA LEU D 239 22.76 -14.93 3.92
C LEU D 239 22.27 -14.12 5.14
N MET D 240 20.98 -14.25 5.48
CA MET D 240 20.38 -13.55 6.65
C MET D 240 19.99 -14.54 7.74
N HIS D 241 20.11 -14.13 9.00
CA HIS D 241 19.58 -14.98 10.08
C HIS D 241 18.24 -14.47 10.61
N VAL D 242 17.20 -15.22 10.27
CA VAL D 242 15.79 -14.87 10.49
C VAL D 242 15.16 -15.81 11.53
N PRO D 243 14.13 -15.35 12.28
CA PRO D 243 13.55 -16.25 13.30
C PRO D 243 12.83 -17.46 12.74
N THR D 244 12.22 -17.35 11.55
CA THR D 244 11.68 -18.50 10.78
C THR D 244 11.45 -18.12 9.31
N TYR D 245 11.52 -19.11 8.41
CA TYR D 245 11.21 -18.90 7.00
C TYR D 245 10.61 -20.16 6.34
N ILE D 250 16.23 -16.84 3.57
CA ILE D 250 16.26 -15.65 2.71
C ILE D 250 17.68 -15.05 2.57
N GLY D 251 17.97 -14.50 1.40
CA GLY D 251 19.30 -13.94 1.13
C GLY D 251 19.28 -12.70 0.26
N THR D 252 20.47 -12.17 -0.05
CA THR D 252 20.61 -11.03 -0.91
C THR D 252 21.80 -11.11 -1.85
N LEU D 253 21.57 -10.90 -3.16
CA LEU D 253 22.65 -10.73 -4.15
C LEU D 253 23.16 -9.30 -4.22
N VAL D 254 24.46 -9.11 -3.96
CA VAL D 254 25.02 -7.78 -3.95
C VAL D 254 25.97 -7.68 -5.12
N CYS D 255 25.60 -6.78 -6.05
CA CYS D 255 26.28 -6.68 -7.33
C CYS D 255 26.89 -5.30 -7.53
N SER D 256 28.12 -5.31 -8.02
CA SER D 256 28.88 -4.08 -8.31
C SER D 256 29.02 -3.86 -9.81
N LYS D 257 28.70 -2.63 -10.24
CA LYS D 257 28.94 -2.22 -11.61
C LYS D 257 30.44 -2.22 -11.94
N LYS D 258 31.26 -1.60 -11.08
CA LYS D 258 32.71 -1.53 -11.32
C LYS D 258 33.46 -2.77 -10.82
N ALA D 259 34.53 -3.12 -11.53
CA ALA D 259 35.42 -4.24 -11.19
C ALA D 259 36.39 -3.82 -10.08
N GLY D 260 36.84 -4.79 -9.27
CA GLY D 260 37.82 -4.55 -8.17
C GLY D 260 37.23 -3.93 -6.90
N VAL D 261 35.91 -4.04 -6.79
CA VAL D 261 35.17 -3.71 -5.57
C VAL D 261 34.95 -5.05 -4.83
N ASP D 262 35.33 -5.08 -3.57
CA ASP D 262 34.95 -6.19 -2.67
C ASP D 262 33.79 -5.77 -1.78
N VAL D 263 32.57 -6.16 -2.14
CA VAL D 263 31.41 -5.76 -1.35
C VAL D 263 31.32 -6.49 0.00
N THR D 264 32.14 -7.52 0.17
CA THR D 264 32.05 -8.37 1.38
C THR D 264 32.69 -7.70 2.59
N LYS D 265 33.58 -6.73 2.35
CA LYS D 265 34.13 -5.91 3.42
C LYS D 265 33.54 -4.49 3.31
N PRO D 266 32.88 -3.98 4.39
CA PRO D 266 32.14 -2.72 4.29
C PRO D 266 33.06 -1.59 3.89
N LEU D 267 32.69 -0.85 2.85
CA LEU D 267 33.55 0.22 2.36
C LEU D 267 33.41 1.48 3.20
N ARG D 268 32.18 1.82 3.58
CA ARG D 268 31.97 2.84 4.60
C ARG D 268 31.24 2.17 5.76
N PRO D 269 32.00 1.73 6.78
CA PRO D 269 31.45 0.98 7.91
C PRO D 269 30.40 1.79 8.67
N VAL D 270 29.36 1.12 9.14
CA VAL D 270 28.23 1.79 9.74
C VAL D 270 28.59 2.39 11.11
N GLU D 271 29.61 1.81 11.73
CA GLU D 271 30.14 2.17 13.03
C GLU D 271 30.64 3.62 13.05
N ASP D 272 31.00 4.14 11.87
CA ASP D 272 31.48 5.53 11.73
C ASP D 272 30.34 6.55 11.53
N MET D 273 29.10 6.09 11.62
CA MET D 273 27.93 6.89 11.24
C MET D 273 27.08 7.05 12.50
N PRO D 274 26.39 8.20 12.65
CA PRO D 274 25.69 8.44 13.93
C PRO D 274 24.56 7.46 14.31
N PHE D 275 23.98 6.73 13.35
CA PHE D 275 22.79 5.88 13.61
C PHE D 275 23.11 4.41 14.02
N ALA D 276 24.39 4.03 13.99
CA ALA D 276 24.83 2.63 14.19
C ALA D 276 24.15 1.92 15.35
N LYS D 277 24.01 2.65 16.45
CA LYS D 277 23.47 2.16 17.70
C LYS D 277 22.02 1.79 17.59
N ASP D 278 21.29 2.46 16.70
CA ASP D 278 19.84 2.20 16.49
C ASP D 278 19.52 0.91 15.72
N LEU D 279 20.51 0.24 15.11
CA LEU D 279 20.23 -0.96 14.30
C LEU D 279 20.17 -2.19 15.21
N LYS D 280 19.17 -3.05 14.99
CA LYS D 280 18.97 -4.21 15.80
C LYS D 280 19.59 -5.50 15.23
N TYR D 281 20.02 -5.46 13.96
CA TYR D 281 20.61 -6.64 13.30
C TYR D 281 22.01 -6.37 12.75
N TYR D 282 22.09 -5.37 11.87
CA TYR D 282 23.25 -5.12 11.04
C TYR D 282 24.36 -4.40 11.80
N ASP D 283 25.59 -4.87 11.58
CA ASP D 283 26.80 -4.10 11.82
C ASP D 283 27.86 -4.71 10.92
N SER D 284 29.10 -4.20 10.98
CA SER D 284 30.18 -4.61 10.09
C SER D 284 30.59 -6.07 10.23
N GLU D 285 30.54 -6.56 11.44
CA GLU D 285 30.82 -7.97 11.72
C GLU D 285 29.74 -8.83 11.05
N MET D 286 28.49 -8.41 11.23
CA MET D 286 27.38 -9.06 10.59
C MET D 286 27.49 -8.99 9.08
N HIS D 287 27.92 -7.83 8.54
CA HIS D 287 28.14 -7.63 7.12
C HIS D 287 29.20 -8.63 6.57
N LYS D 288 30.39 -8.64 7.15
CA LYS D 288 31.43 -9.58 6.75
C LYS D 288 30.96 -11.02 6.87
N ALA D 289 30.37 -11.35 8.02
CA ALA D 289 29.91 -12.75 8.28
C ALA D 289 28.87 -13.23 7.30
N SER D 290 28.05 -12.31 6.76
CA SER D 290 26.91 -12.72 5.93
C SER D 290 27.34 -13.36 4.59
N PHE D 291 28.57 -13.07 4.17
CA PHE D 291 29.08 -13.57 2.89
C PHE D 291 29.80 -14.92 3.00
N ALA D 292 29.94 -15.42 4.24
CA ALA D 292 30.49 -16.77 4.45
C ALA D 292 29.30 -17.71 4.30
N LEU D 293 29.36 -18.62 3.32
CA LEU D 293 28.22 -19.48 3.11
C LEU D 293 28.55 -20.92 3.49
N PRO D 294 27.54 -21.72 3.87
CA PRO D 294 27.85 -23.12 4.11
C PRO D 294 28.57 -23.71 2.90
N ARG D 295 29.38 -24.75 3.14
CA ARG D 295 30.36 -25.22 2.22
C ARG D 295 29.69 -25.73 0.93
N PHE D 296 28.59 -26.47 1.05
CA PHE D 296 27.79 -26.89 -0.11
C PHE D 296 27.41 -25.72 -1.05
N ALA D 297 27.34 -24.48 -0.53
CA ALA D 297 26.88 -23.30 -1.32
C ALA D 297 27.97 -22.26 -1.63
N ARG D 298 29.15 -22.53 -1.09
CA ARG D 298 30.28 -21.62 -1.11
C ARG D 298 30.69 -21.14 -2.50
N HIS D 299 30.45 -21.97 -3.51
CA HIS D 299 30.90 -21.71 -4.87
C HIS D 299 30.10 -20.55 -5.50
N ILE D 300 28.99 -20.17 -4.87
CA ILE D 300 28.24 -18.96 -5.26
C ILE D 300 29.17 -17.74 -5.17
N ASN D 301 29.95 -17.64 -4.09
CA ASN D 301 30.83 -16.50 -3.86
C ASN D 301 32.31 -16.76 -4.13
N ASN D 302 32.69 -18.04 -4.38
CA ASN D 302 34.04 -18.59 -4.12
C ASN D 302 34.63 -18.20 -2.77
CA S4M E . -9.51 31.31 -15.13
N S4M E . -8.34 31.93 -14.47
CB S4M E . -9.22 31.34 -16.63
CG S4M E . -9.44 32.69 -17.24
SD S4M E . -7.84 33.49 -17.63
CE S4M E . -8.63 35.12 -17.52
C5' S4M E . -7.93 33.24 -19.45
C4' S4M E . -6.80 33.94 -20.19
O4' S4M E . -6.27 33.24 -21.33
C1' S4M E . -5.70 34.28 -22.16
C2' S4M E . -6.78 35.33 -22.19
O2' S4M E . -6.21 36.57 -22.53
C3' S4M E . -7.28 35.26 -20.76
O3' S4M E . -6.69 36.21 -19.89
N9 S4M E . -5.33 33.78 -23.49
C8 S4M E . -6.17 33.37 -24.50
N7 S4M E . -5.51 32.98 -25.57
C5 S4M E . -4.18 33.15 -25.25
C6 S4M E . -3.02 32.91 -25.97
N6 S4M E . -3.03 32.42 -27.27
C4 S4M E . -4.06 33.64 -23.96
N3 S4M E . -2.92 33.94 -23.33
C2 S4M E . -1.87 33.66 -24.11
N1 S4M E . -1.85 33.18 -25.36
C6 8QO F . -20.01 31.33 -12.20
C11 8QO F . -21.28 31.79 -11.89
C9 8QO F . -21.96 31.48 -14.18
C2 8QO F . -19.70 30.94 -13.50
C13 8QO F . -22.25 31.86 -12.89
C5 8QO F . -20.69 31.04 -14.46
C1 8QO F . -18.35 30.46 -13.83
C7 8QO F . -16.21 29.90 -13.68
C8 8QO F . -16.65 29.54 -15.09
C12 8QO F . -16.58 28.04 -15.25
C15 8QO F . -24.10 31.62 -11.52
N3 8QO F . -17.35 30.48 -12.99
N4 8QO F . -18.04 29.91 -15.05
O10 8QO F . -20.40 30.68 -15.75
O14 8QO F . -23.55 32.33 -12.64
CA S4M G . -35.97 13.33 -8.16
N S4M G . -36.52 12.02 -8.53
CB S4M G . -37.09 14.30 -8.36
CG S4M G . -37.67 14.76 -7.04
SD S4M G . -39.17 13.79 -6.68
CE S4M G . -40.22 14.38 -8.05
C5' S4M G . -39.90 14.87 -5.36
C4' S4M G . -41.20 14.23 -4.87
O4' S4M G . -41.34 14.27 -3.46
C1' S4M G . -42.75 14.33 -3.26
C2' S4M G . -43.27 15.32 -4.26
O2' S4M G . -44.66 15.09 -4.49
C3' S4M G . -42.41 14.95 -5.45
O3' S4M G . -43.05 14.06 -6.37
N9 S4M G . -43.06 14.68 -1.90
C8 S4M G . -42.93 15.89 -1.28
N7 S4M G . -43.33 15.82 -0.02
C5 S4M G . -43.71 14.52 0.18
C6 S4M G . -44.21 13.85 1.29
N6 S4M G . -44.42 14.49 2.51
C4 S4M G . -43.56 13.79 -0.97
N3 S4M G . -43.83 12.50 -1.14
C2 S4M G . -44.30 11.97 -0.01
N1 S4M G . -44.50 12.55 1.17
C6 8QO H . -31.20 21.03 -14.93
C11 8QO H . -31.03 22.00 -15.91
C9 8QO H . -31.81 23.70 -14.42
C2 8QO H . -31.67 21.40 -13.68
C13 8QO H . -31.32 23.33 -15.66
C5 8QO H . -31.97 22.73 -13.46
C1 8QO H . -31.84 20.38 -12.63
C7 8QO H . -31.97 18.44 -11.55
C8 8QO H . -32.64 19.46 -10.67
C12 8QO H . -32.11 19.40 -9.27
C15 8QO H . -30.66 23.92 -17.82
N3 8QO H . -31.69 19.09 -12.84
N4 8QO H . -32.21 20.69 -11.33
O10 8QO H . -32.42 23.15 -12.25
O14 8QO H . -31.20 24.38 -16.59
CA S4M I . 20.76 -34.76 17.68
N S4M I . 22.25 -34.88 17.69
CB S4M I . 20.24 -33.94 18.84
CG S4M I . 20.62 -34.43 20.24
SD S4M I . 20.22 -36.16 20.70
CE S4M I . 18.44 -35.98 20.46
C5' S4M I . 19.92 -35.91 22.47
C4' S4M I . 20.26 -37.21 23.18
O4' S4M I . 20.66 -36.91 24.51
C1' S4M I . 20.19 -37.97 25.33
C2' S4M I . 18.84 -38.31 24.78
O2' S4M I . 18.56 -39.65 25.17
C3' S4M I . 19.07 -38.14 23.29
O3' S4M I . 19.48 -39.35 22.66
N9 S4M I . 20.24 -37.54 26.71
C8 S4M I . 19.42 -36.66 27.37
N7 S4M I . 19.81 -36.49 28.63
C5 S4M I . 20.90 -37.31 28.77
C6 S4M I . 21.75 -37.59 29.85
N6 S4M I . 21.57 -37.01 31.09
C4 S4M I . 21.19 -37.96 27.59
N3 S4M I . 22.18 -38.82 27.36
C2 S4M I . 22.91 -38.99 28.45
N1 S4M I . 22.76 -38.45 29.66
C6 8QO J . 13.81 -29.40 10.83
C11 8QO J . 12.68 -29.20 10.05
C9 8QO J . 11.39 -28.69 11.99
C2 8QO J . 13.72 -29.25 12.20
C13 8QO J . 11.48 -28.84 10.63
C5 8QO J . 12.52 -28.90 12.76
C1 8QO J . 14.92 -29.47 12.99
C7 8QO J . 16.96 -30.01 13.59
C8 8QO J . 16.17 -29.90 14.84
C12 8QO J . 16.89 -28.98 15.79
C15 8QO J . 10.46 -29.01 8.55
N3 8QO J . 16.02 -29.93 12.48
N4 8QO J . 15.01 -29.22 14.32
O10 8QO J . 12.40 -28.72 14.11
O14 8QO J . 10.31 -28.60 9.91
CA S4M K . 10.05 -7.28 2.08
N S4M K . 9.90 -5.88 2.52
CB S4M K . 8.68 -7.70 1.62
CG S4M K . 8.53 -7.59 0.13
SD S4M K . 7.65 -6.06 -0.36
CE S4M K . 6.06 -6.28 0.51
C5' S4M K . 7.15 -6.81 -1.96
C4' S4M K . 6.63 -5.74 -2.90
O4' S4M K . 7.02 -5.89 -4.27
C1' S4M K . 5.96 -5.28 -5.00
C2' S4M K . 4.74 -5.89 -4.35
O2' S4M K . 3.57 -5.14 -4.59
C3' S4M K . 5.13 -5.81 -2.90
O3' S4M K . 4.72 -4.61 -2.24
N9 S4M K . 6.12 -5.58 -6.42
C8 S4M K . 5.94 -6.80 -7.00
N7 S4M K . 6.17 -6.73 -8.30
C5 S4M K . 6.53 -5.43 -8.56
C6 S4M K . 6.87 -4.79 -9.74
N6 S4M K . 6.91 -5.48 -10.97
C4 S4M K . 6.50 -4.70 -7.40
N3 S4M K . 6.79 -3.38 -7.30
C2 S4M K . 7.12 -2.86 -8.49
N1 S4M K . 7.17 -3.48 -9.68
C6 8QO L . 7.79 -15.30 9.36
C11 8QO L . 7.15 -16.14 10.24
C9 8QO L . 6.44 -17.52 8.40
C2 8QO L . 7.77 -15.54 8.00
C13 8QO L . 6.48 -17.26 9.76
C5 8QO L . 7.08 -16.65 7.54
C1 8QO L . 8.48 -14.59 7.13
C7 8QO L . 9.74 -12.92 6.41
C8 8QO L . 9.19 -13.61 5.19
C12 8QO L . 10.32 -14.27 4.41
C15 8QO L . 6.16 -18.06 11.94
N3 8QO L . 9.22 -13.63 7.57
N4 8QO L . 8.39 -14.65 5.78
O10 8QO L . 7.01 -16.98 6.20
O14 8QO L . 5.80 -18.17 10.56
#